data_9QQN
#
_entry.id   9QQN
#
_cell.length_a   226.468
_cell.length_b   73.030
_cell.length_c   80.734
_cell.angle_alpha   90.000
_cell.angle_beta   95.777
_cell.angle_gamma   90.000
#
_symmetry.space_group_name_H-M   'C 1 2 1'
#
loop_
_entity.id
_entity.type
_entity.pdbx_description
1 polymer 'Pre-glycoprotein polyprotein GP complex'
2 polymer 'Chains: C'
3 polymer 'Chains: D'
4 branched beta-D-mannopyranose-(1-4)-2-acetamido-2-deoxy-beta-D-glucopyranose-(1-4)-[alpha-L-fucopyranose-(1-6)]2-acetamido-2-deoxy-beta-D-glucopyranose
5 branched 2-acetamido-2-deoxy-beta-D-glucopyranose-(1-4)-[alpha-L-fucopyranose-(1-6)]2-acetamido-2-deoxy-beta-D-glucopyranose
6 branched alpha-D-mannopyranose-(1-3)-beta-D-mannopyranose-(1-4)-2-acetamido-2-deoxy-beta-D-glucopyranose-(1-4)-2-acetamido-2-deoxy-beta-D-glucopyranose
7 branched alpha-D-mannopyranose-(1-3)-[alpha-D-mannopyranose-(1-6)]beta-D-mannopyranose-(1-4)-2-acetamido-2-deoxy-beta-D-glucopyranose-(1-4)-2-acetamido-2-deoxy-beta-D-glucopyranose
8 branched 2-acetamido-2-deoxy-beta-D-glucopyranose-(1-4)-2-acetamido-2-deoxy-beta-D-glucopyranose
9 water water
#
loop_
_entity_poly.entity_id
_entity_poly.type
_entity_poly.pdbx_seq_one_letter_code
_entity_poly.pdbx_strand_id
1 'polypeptide(L)'
;MGQFISFMQEIPTFLQEALNIALVAVSLIAIIKGIVNLYKSGLFQFFVFLALAGRSCTEEAFKIGLHTEFQTVSFSMVGL
FSNNPHDCPLLCTLNKSHLYIKGGNASFQISFDDIAVLLPQYDVIIQHPADMSWCSKSDDQIWLSQWFMNAVGHDWHLDP
PFLCRNRTKTEGFIFQVNTSKTGVNENYAKKFKTGMHHLYREYPDSCLNGKLCLMKAQPTSWPLQCPLDHVNTLHFLTRG
KNIQLPRRRRRAFFSWSLTDSSGKDTPGGYCLEEWMLVAAKMKCFGNTAVAKCNLNHDSEFCDMLRLFDYNKNAIKTLND
ETKKQVNLCGQTINALISDNLLMKNKIRELMSVPYCNYTKFWYVNHTLSGQHSLPRCWLIKNNSYLNISDFRNDWILESD
FLISEMLSKEYSDRQGSGDDDDKGSGWSHPQFEKGGGSGGGSGGSAWSHPQFEK
;
A,B
2 'polypeptide(L)'
;ETGSVVMTQSQKFMSTSVGDRVSITCKASQIVGTSVAWYQQKAGQSPKLLIYWASTRHTGVPDRFTAGGSGTDFTLTITN
VQSEDLADYFCQQYATYPLTFGSGTKLELKRTDAAPTVSIFPPSSEQLTSGGASVVCFLNNFYPKDINVKWKIDGSERQN
GVLNSWTDQDSKDSTYSMSSTLTLTKDEYERHNSYTCEATHKTSTSPIVKSFNRNEC
;
C
3 'polypeptide(L)'
;ETGQIQLVQSVETGGGLVRPGNSLKLSCVTSGFTFSNYQMHWLRQPPGKRLEWIAVITVKSDNYGANYVESVKGRFAISR
DDSKSSVYLEMNRLREEDTATYFCSRSGIYDGYYAYAMDYWGQGTSVTVSSATTKGPSVYPLAPGSAAQTNSMVTLGCLV
KGYFPEPVTVTWNSGSLSSGVHTFPAVLQSDLYTLSSSVTVPSSTWPSQTVTCNVAHPASSTKVDKKIVPRDCGTKHHHH
HH
;
D
#
loop_
_chem_comp.id
_chem_comp.type
_chem_comp.name
_chem_comp.formula
BMA D-saccharide, beta linking beta-D-mannopyranose 'C6 H12 O6'
FUC L-saccharide, alpha linking alpha-L-fucopyranose 'C6 H12 O5'
MAN D-saccharide, alpha linking alpha-D-mannopyranose 'C6 H12 O6'
NAG D-saccharide, beta linking 2-acetamido-2-deoxy-beta-D-glucopyranose 'C8 H15 N O6'
#
# COMPACT_ATOMS: atom_id res chain seq x y z
N GLU A 60 -18.49 -49.82 0.34
CA GLU A 60 -19.01 -49.27 -0.91
C GLU A 60 -19.72 -50.35 -1.73
N ALA A 61 -19.07 -51.51 -1.83
CA ALA A 61 -19.61 -52.61 -2.62
C ALA A 61 -20.82 -53.24 -1.95
N PHE A 62 -21.70 -53.84 -2.77
CA PHE A 62 -22.82 -54.60 -2.27
C PHE A 62 -23.19 -55.65 -3.32
N LYS A 63 -24.06 -56.58 -2.92
CA LYS A 63 -24.42 -57.71 -3.76
C LYS A 63 -25.78 -57.45 -4.40
N ILE A 64 -25.83 -57.53 -5.74
CA ILE A 64 -27.09 -57.36 -6.45
C ILE A 64 -27.90 -58.65 -6.44
N GLY A 65 -27.24 -59.76 -6.80
CA GLY A 65 -27.80 -61.08 -6.59
C GLY A 65 -26.98 -61.82 -5.56
N LEU A 66 -26.88 -63.14 -5.68
CA LEU A 66 -25.95 -63.92 -4.87
C LEU A 66 -24.65 -64.23 -5.59
N HIS A 67 -24.64 -64.09 -6.92
CA HIS A 67 -23.47 -64.33 -7.75
C HIS A 67 -22.89 -63.05 -8.35
N THR A 68 -23.71 -62.05 -8.62
CA THR A 68 -23.25 -60.78 -9.13
C THR A 68 -23.05 -59.80 -7.97
N GLU A 69 -22.12 -58.86 -8.16
CA GLU A 69 -21.78 -57.91 -7.11
C GLU A 69 -21.57 -56.53 -7.70
N PHE A 70 -22.06 -55.51 -7.00
CA PHE A 70 -21.82 -54.12 -7.35
C PHE A 70 -20.49 -53.68 -6.74
N GLN A 71 -19.60 -53.17 -7.58
CA GLN A 71 -18.27 -52.79 -7.13
C GLN A 71 -17.88 -51.43 -7.71
N THR A 72 -16.88 -50.81 -7.11
CA THR A 72 -16.46 -49.47 -7.47
C THR A 72 -14.96 -49.42 -7.70
N VAL A 73 -14.52 -48.38 -8.42
CA VAL A 73 -13.12 -48.11 -8.66
C VAL A 73 -12.95 -46.59 -8.78
N SER A 74 -12.00 -46.04 -8.02
CA SER A 74 -11.78 -44.61 -7.95
C SER A 74 -10.36 -44.29 -8.39
N PHE A 75 -10.22 -43.32 -9.29
CA PHE A 75 -8.91 -42.91 -9.76
C PHE A 75 -8.28 -41.90 -8.81
N SER A 76 -6.95 -41.89 -8.76
CA SER A 76 -6.19 -41.01 -7.90
C SER A 76 -5.67 -39.84 -8.72
N MET A 77 -6.09 -38.62 -8.36
CA MET A 77 -5.59 -37.45 -9.07
C MET A 77 -4.17 -37.12 -8.64
N VAL A 78 -3.79 -37.51 -7.43
CA VAL A 78 -2.41 -37.36 -6.99
C VAL A 78 -1.46 -38.11 -7.93
N GLY A 79 -1.79 -39.36 -8.23
CA GLY A 79 -0.98 -40.13 -9.16
C GLY A 79 -1.05 -39.61 -10.58
N LEU A 80 -2.21 -39.09 -10.99
CA LEU A 80 -2.35 -38.56 -12.34
C LEU A 80 -1.49 -37.32 -12.54
N PHE A 81 -1.45 -36.43 -11.57
CA PHE A 81 -0.72 -35.17 -11.68
C PHE A 81 0.70 -35.25 -11.12
N SER A 82 1.09 -36.38 -10.53
CA SER A 82 2.44 -36.55 -10.01
C SER A 82 3.32 -37.39 -10.92
N ASN A 83 2.77 -38.46 -11.50
CA ASN A 83 3.53 -39.36 -12.37
C ASN A 83 3.48 -38.94 -13.83
N ASN A 84 3.47 -37.65 -14.12
CA ASN A 84 3.66 -37.19 -15.48
C ASN A 84 4.73 -36.10 -15.50
N PRO A 85 5.53 -36.05 -16.56
CA PRO A 85 6.56 -35.02 -16.65
C PRO A 85 6.10 -33.80 -17.45
N HIS A 86 4.94 -33.92 -18.09
CA HIS A 86 4.35 -32.78 -18.78
C HIS A 86 3.90 -31.74 -17.75
N ASP A 87 4.30 -30.49 -17.95
CA ASP A 87 3.78 -29.39 -17.12
C ASP A 87 2.38 -29.06 -17.61
N CYS A 88 1.38 -29.58 -16.90
CA CYS A 88 0.01 -29.30 -17.31
C CYS A 88 -0.60 -28.22 -16.41
N PRO A 89 -1.43 -27.36 -16.97
CA PRO A 89 -2.04 -26.29 -16.15
C PRO A 89 -2.98 -26.87 -15.11
N LEU A 90 -2.91 -26.31 -13.91
CA LEU A 90 -3.80 -26.66 -12.81
C LEU A 90 -4.75 -25.51 -12.54
N LEU A 91 -6.03 -25.80 -12.47
CA LEU A 91 -7.04 -24.82 -12.10
C LEU A 91 -7.81 -25.34 -10.90
N CYS A 92 -7.68 -24.64 -9.77
CA CYS A 92 -8.28 -25.12 -8.52
C CYS A 92 -9.08 -24.01 -7.84
N THR A 93 -10.14 -24.44 -7.17
CA THR A 93 -11.01 -23.54 -6.40
C THR A 93 -10.75 -23.81 -4.92
N LEU A 94 -10.06 -22.88 -4.26
CA LEU A 94 -9.78 -23.06 -2.84
C LEU A 94 -11.01 -22.77 -2.00
N ASN A 95 -11.66 -21.64 -2.22
CA ASN A 95 -12.90 -21.31 -1.54
C ASN A 95 -13.72 -20.41 -2.45
N LYS A 96 -14.71 -19.71 -1.87
CA LYS A 96 -15.62 -18.92 -2.69
C LYS A 96 -14.96 -17.68 -3.28
N SER A 97 -13.86 -17.21 -2.68
CA SER A 97 -13.28 -15.92 -3.05
C SER A 97 -11.94 -16.02 -3.77
N HIS A 98 -11.25 -17.15 -3.69
CA HIS A 98 -9.90 -17.28 -4.23
C HIS A 98 -9.83 -18.46 -5.18
N LEU A 99 -9.49 -18.18 -6.44
CA LEU A 99 -9.22 -19.22 -7.41
C LEU A 99 -7.72 -19.23 -7.73
N TYR A 100 -7.24 -20.35 -8.26
CA TYR A 100 -5.81 -20.47 -8.52
C TYR A 100 -5.58 -21.19 -9.85
N ILE A 101 -4.52 -20.76 -10.55
CA ILE A 101 -4.14 -21.38 -11.82
C ILE A 101 -2.62 -21.41 -11.90
N LYS A 102 -2.07 -22.60 -12.16
CA LYS A 102 -0.63 -22.81 -12.29
C LYS A 102 -0.31 -23.29 -13.70
N GLY A 103 0.80 -22.79 -14.24
CA GLY A 103 1.27 -23.20 -15.55
C GLY A 103 2.76 -22.94 -15.70
N GLY A 104 3.53 -24.00 -15.93
CA GLY A 104 4.97 -23.85 -15.99
C GLY A 104 5.51 -23.35 -14.66
N ASN A 105 6.36 -22.33 -14.72
CA ASN A 105 6.87 -21.69 -13.53
C ASN A 105 5.98 -20.57 -13.02
N ALA A 106 4.81 -20.36 -13.63
CA ALA A 106 3.89 -19.30 -13.24
C ALA A 106 2.76 -19.85 -12.39
N SER A 107 2.30 -19.03 -11.45
CA SER A 107 1.20 -19.42 -10.57
C SER A 107 0.46 -18.17 -10.15
N PHE A 108 -0.85 -18.13 -10.40
CA PHE A 108 -1.66 -16.94 -10.20
C PHE A 108 -2.81 -17.23 -9.24
N GLN A 109 -2.99 -16.30 -8.32
CA GLN A 109 -4.22 -16.17 -7.54
C GLN A 109 -5.15 -15.21 -8.26
N ILE A 110 -6.40 -15.64 -8.43
CA ILE A 110 -7.45 -14.88 -9.10
C ILE A 110 -8.49 -14.50 -8.07
N SER A 111 -8.80 -13.20 -8.02
CA SER A 111 -9.76 -12.66 -7.07
C SER A 111 -10.68 -11.67 -7.78
N PHE A 112 -11.85 -11.43 -7.18
CA PHE A 112 -12.87 -10.56 -7.73
C PHE A 112 -13.33 -9.60 -6.65
N ASP A 113 -13.20 -8.30 -6.89
CA ASP A 113 -13.74 -7.29 -5.99
C ASP A 113 -13.79 -5.95 -6.71
N ASP A 114 -14.31 -4.93 -6.01
CA ASP A 114 -14.56 -3.63 -6.60
C ASP A 114 -13.34 -2.72 -6.60
N ILE A 115 -12.19 -3.19 -6.14
CA ILE A 115 -10.99 -2.36 -6.09
C ILE A 115 -10.36 -2.30 -7.48
N ALA A 116 -10.19 -1.09 -8.00
CA ALA A 116 -9.48 -0.88 -9.26
C ALA A 116 -7.99 -0.74 -8.95
N VAL A 117 -7.33 -1.89 -8.80
CA VAL A 117 -5.89 -1.89 -8.55
C VAL A 117 -5.14 -1.21 -9.68
N LEU A 118 -5.62 -1.35 -10.91
CA LEU A 118 -5.04 -0.70 -12.07
C LEU A 118 -6.01 0.33 -12.63
N LEU A 119 -5.46 1.36 -13.27
CA LEU A 119 -6.25 2.39 -13.93
C LEU A 119 -5.75 2.58 -15.35
N PRO A 120 -6.66 2.79 -16.30
CA PRO A 120 -6.23 2.94 -17.70
C PRO A 120 -5.23 4.06 -17.93
N GLN A 121 -5.29 5.13 -17.12
CA GLN A 121 -4.42 6.28 -17.35
C GLN A 121 -2.96 5.97 -17.05
N TYR A 122 -2.70 5.05 -16.11
CA TYR A 122 -1.35 4.85 -15.60
C TYR A 122 -0.75 3.48 -15.91
N ASP A 123 -1.55 2.51 -16.32
CA ASP A 123 -1.07 1.14 -16.50
C ASP A 123 -1.18 0.73 -17.96
N VAL A 124 -0.63 -0.44 -18.26
CA VAL A 124 -0.48 -0.90 -19.65
C VAL A 124 -1.80 -1.47 -20.15
N ILE A 125 -2.28 -0.93 -21.27
CA ILE A 125 -3.50 -1.39 -21.92
C ILE A 125 -3.14 -2.53 -22.85
N ILE A 126 -3.85 -3.65 -22.70
CA ILE A 126 -3.62 -4.86 -23.48
C ILE A 126 -4.76 -5.01 -24.47
N GLN A 127 -4.40 -4.93 -25.76
CA GLN A 127 -5.32 -5.02 -26.88
C GLN A 127 -4.97 -6.17 -27.83
N HIS A 128 -3.77 -6.74 -27.74
CA HIS A 128 -3.22 -7.76 -28.60
C HIS A 128 -2.20 -8.51 -27.76
N PRO A 129 -2.17 -9.85 -27.81
CA PRO A 129 -1.24 -10.61 -26.94
C PRO A 129 0.19 -10.08 -26.91
N ALA A 130 0.71 -9.58 -28.04
CA ALA A 130 2.08 -9.07 -28.05
C ALA A 130 2.26 -7.93 -27.06
N ASP A 131 1.22 -7.10 -26.88
CA ASP A 131 1.28 -6.00 -25.93
C ASP A 131 1.65 -6.47 -24.52
N MET A 132 1.42 -7.75 -24.21
CA MET A 132 1.75 -8.26 -22.89
C MET A 132 3.24 -8.42 -22.67
N SER A 133 4.08 -8.03 -23.62
CA SER A 133 5.53 -8.10 -23.42
C SER A 133 5.98 -7.16 -22.31
N TRP A 134 5.25 -6.07 -22.07
CA TRP A 134 5.59 -5.10 -21.05
C TRP A 134 5.02 -5.44 -19.68
N CYS A 135 4.22 -6.52 -19.57
CA CYS A 135 3.59 -6.83 -18.30
C CYS A 135 4.54 -7.56 -17.34
N SER A 136 5.51 -8.31 -17.87
CA SER A 136 6.30 -9.17 -17.00
C SER A 136 7.66 -9.43 -17.64
N LYS A 137 8.59 -9.89 -16.80
CA LYS A 137 9.90 -10.35 -17.25
C LYS A 137 9.97 -11.86 -17.41
N SER A 138 9.01 -12.59 -16.85
CA SER A 138 8.95 -14.04 -16.98
C SER A 138 8.03 -14.40 -18.14
N ASP A 139 8.57 -15.12 -19.13
CA ASP A 139 7.75 -15.55 -20.26
C ASP A 139 6.64 -16.48 -19.83
N ASP A 140 6.84 -17.23 -18.74
CA ASP A 140 5.81 -18.15 -18.27
C ASP A 140 4.56 -17.39 -17.83
N GLN A 141 4.74 -16.26 -17.12
CA GLN A 141 3.59 -15.48 -16.67
C GLN A 141 2.83 -14.91 -17.86
N ILE A 142 3.53 -14.37 -18.85
CA ILE A 142 2.90 -13.81 -20.03
C ILE A 142 2.13 -14.89 -20.77
N TRP A 143 2.76 -16.05 -20.95
CA TRP A 143 2.12 -17.14 -21.69
C TRP A 143 0.90 -17.67 -20.95
N LEU A 144 0.98 -17.81 -19.64
CA LEU A 144 -0.17 -18.28 -18.86
C LEU A 144 -1.31 -17.26 -18.89
N SER A 145 -0.98 -15.97 -18.84
CA SER A 145 -2.01 -14.94 -18.91
C SER A 145 -2.72 -14.96 -20.26
N GLN A 146 -1.95 -15.04 -21.34
CA GLN A 146 -2.55 -15.10 -22.67
C GLN A 146 -3.40 -16.35 -22.83
N TRP A 147 -2.91 -17.49 -22.35
CA TRP A 147 -3.65 -18.74 -22.47
C TRP A 147 -4.94 -18.68 -21.67
N PHE A 148 -4.91 -18.07 -20.49
CA PHE A 148 -6.12 -17.93 -19.68
C PHE A 148 -7.14 -17.04 -20.38
N MET A 149 -6.70 -15.89 -20.91
CA MET A 149 -7.62 -15.00 -21.59
C MET A 149 -8.20 -15.66 -22.85
N ASN A 150 -7.41 -16.51 -23.51
CA ASN A 150 -7.95 -17.26 -24.64
C ASN A 150 -8.98 -18.29 -24.17
N ALA A 151 -8.71 -18.97 -23.05
CA ALA A 151 -9.59 -20.02 -22.58
C ALA A 151 -10.93 -19.47 -22.10
N VAL A 152 -10.93 -18.30 -21.44
CA VAL A 152 -12.19 -17.74 -20.99
C VAL A 152 -13.02 -17.20 -22.15
N GLY A 153 -12.42 -16.99 -23.31
CA GLY A 153 -13.15 -16.55 -24.48
C GLY A 153 -13.01 -15.07 -24.80
N HIS A 154 -11.89 -14.45 -24.46
CA HIS A 154 -11.69 -13.03 -24.74
C HIS A 154 -11.32 -12.85 -26.22
N ASP A 155 -12.09 -12.04 -26.93
CA ASP A 155 -11.83 -11.76 -28.34
C ASP A 155 -10.95 -10.52 -28.42
N TRP A 156 -9.69 -10.71 -28.82
CA TRP A 156 -8.75 -9.60 -28.89
C TRP A 156 -9.11 -8.58 -29.96
N HIS A 157 -10.10 -8.87 -30.81
CA HIS A 157 -10.48 -7.97 -31.87
C HIS A 157 -11.60 -7.02 -31.45
N LEU A 158 -12.69 -7.57 -30.89
CA LEU A 158 -13.89 -6.79 -30.64
C LEU A 158 -14.16 -6.53 -29.16
N ASP A 159 -13.51 -7.25 -28.25
CA ASP A 159 -13.76 -7.06 -26.83
C ASP A 159 -12.94 -5.90 -26.28
N PRO A 160 -13.40 -5.28 -25.19
CA PRO A 160 -12.65 -4.17 -24.59
C PRO A 160 -11.28 -4.64 -24.10
N PRO A 161 -10.26 -3.79 -24.24
CA PRO A 161 -8.93 -4.17 -23.78
C PRO A 161 -8.88 -4.30 -22.27
N PHE A 162 -7.89 -5.04 -21.78
CA PHE A 162 -7.76 -5.14 -20.33
C PHE A 162 -6.46 -4.49 -19.88
N LEU A 163 -6.11 -4.66 -18.62
CA LEU A 163 -5.02 -3.89 -18.04
C LEU A 163 -4.01 -4.80 -17.35
N CYS A 164 -2.74 -4.40 -17.42
CA CYS A 164 -1.68 -5.05 -16.67
C CYS A 164 -0.73 -3.98 -16.17
N ARG A 165 0.04 -4.30 -15.14
CA ARG A 165 1.03 -3.38 -14.59
C ARG A 165 2.33 -3.50 -15.38
N ASN A 166 2.88 -2.33 -15.76
CA ASN A 166 4.16 -2.27 -16.44
C ASN A 166 5.23 -2.98 -15.63
N ARG A 167 6.11 -3.72 -16.32
CA ARG A 167 7.12 -4.52 -15.64
C ARG A 167 8.21 -3.67 -15.01
N THR A 168 8.34 -2.40 -15.41
CA THR A 168 9.32 -1.52 -14.79
C THR A 168 8.89 -1.04 -13.42
N LYS A 169 7.60 -1.08 -13.11
CA LYS A 169 7.13 -0.76 -11.77
C LYS A 169 7.35 -1.96 -10.85
N THR A 170 7.57 -1.66 -9.56
CA THR A 170 8.02 -2.67 -8.61
C THR A 170 6.94 -3.13 -7.64
N GLU A 171 5.68 -2.72 -7.84
CA GLU A 171 4.61 -3.24 -7.00
C GLU A 171 4.46 -4.75 -7.18
N GLY A 172 4.50 -5.22 -8.42
CA GLY A 172 4.40 -6.63 -8.73
C GLY A 172 3.55 -6.86 -9.97
N PHE A 173 3.71 -8.05 -10.55
CA PHE A 173 2.88 -8.45 -11.68
C PHE A 173 1.42 -8.54 -11.24
N ILE A 174 0.53 -8.12 -12.13
CA ILE A 174 -0.91 -8.23 -11.91
C ILE A 174 -1.63 -7.83 -13.19
N PHE A 175 -2.78 -8.45 -13.46
CA PHE A 175 -3.61 -7.96 -14.55
C PHE A 175 -5.08 -8.00 -14.14
N GLN A 176 -5.86 -7.10 -14.73
CA GLN A 176 -7.20 -6.77 -14.26
C GLN A 176 -8.18 -6.69 -15.41
N VAL A 177 -9.30 -7.40 -15.28
CA VAL A 177 -10.37 -7.46 -16.28
C VAL A 177 -11.65 -6.94 -15.64
N ASN A 178 -12.42 -6.15 -16.39
CA ASN A 178 -13.53 -5.42 -15.77
C ASN A 178 -14.60 -6.36 -15.24
N THR A 179 -15.17 -7.20 -16.10
CA THR A 179 -16.03 -8.31 -15.65
C THR A 179 -17.34 -7.82 -15.00
N SER A 180 -17.49 -6.51 -14.84
CA SER A 180 -18.67 -5.97 -14.17
C SER A 180 -19.93 -6.21 -15.00
N LYS A 181 -20.95 -6.78 -14.36
CA LYS A 181 -22.21 -7.11 -15.02
C LYS A 181 -23.17 -5.91 -14.92
N THR A 182 -22.83 -4.85 -15.64
CA THR A 182 -23.62 -3.63 -15.58
C THR A 182 -23.42 -2.82 -16.85
N GLY A 183 -24.48 -2.17 -17.29
CA GLY A 183 -24.39 -1.20 -18.38
C GLY A 183 -23.91 -1.83 -19.68
N VAL A 184 -22.97 -1.13 -20.32
CA VAL A 184 -22.48 -1.55 -21.64
C VAL A 184 -21.54 -2.74 -21.57
N ASN A 185 -21.09 -3.12 -20.39
CA ASN A 185 -20.20 -4.26 -20.21
C ASN A 185 -20.95 -5.57 -20.08
N GLU A 186 -22.28 -5.52 -19.96
CA GLU A 186 -23.04 -6.67 -19.48
C GLU A 186 -22.89 -7.87 -20.39
N ASN A 187 -22.79 -7.66 -21.71
CA ASN A 187 -22.53 -8.77 -22.62
C ASN A 187 -21.19 -9.43 -22.30
N TYR A 188 -20.12 -8.63 -22.29
CA TYR A 188 -18.79 -9.16 -22.01
C TYR A 188 -18.77 -9.89 -20.68
N ALA A 189 -19.26 -9.24 -19.62
CA ALA A 189 -19.31 -9.85 -18.30
C ALA A 189 -20.05 -11.18 -18.32
N LYS A 190 -21.05 -11.31 -19.17
CA LYS A 190 -21.72 -12.60 -19.30
C LYS A 190 -20.78 -13.64 -19.90
N LYS A 191 -20.19 -13.33 -21.06
CA LYS A 191 -19.30 -14.28 -21.73
C LYS A 191 -18.20 -14.73 -20.78
N PHE A 192 -17.49 -13.78 -20.16
CA PHE A 192 -16.47 -14.09 -19.17
C PHE A 192 -17.02 -15.08 -18.14
N LYS A 193 -18.18 -14.75 -17.55
CA LYS A 193 -18.81 -15.66 -16.59
C LYS A 193 -18.92 -17.06 -17.16
N THR A 194 -19.49 -17.18 -18.36
CA THR A 194 -19.63 -18.48 -19.00
C THR A 194 -18.27 -19.17 -19.10
N GLY A 195 -17.25 -18.44 -19.54
CA GLY A 195 -15.92 -19.01 -19.62
C GLY A 195 -15.47 -19.54 -18.27
N MET A 196 -15.69 -18.77 -17.21
CA MET A 196 -15.28 -19.20 -15.88
C MET A 196 -16.06 -20.43 -15.45
N HIS A 197 -17.30 -20.59 -15.93
CA HIS A 197 -18.05 -21.78 -15.60
C HIS A 197 -17.50 -23.01 -16.32
N HIS A 198 -16.83 -22.82 -17.46
CA HIS A 198 -16.22 -23.95 -18.15
C HIS A 198 -14.85 -24.29 -17.57
N LEU A 199 -14.08 -23.27 -17.16
CA LEU A 199 -12.73 -23.52 -16.67
C LEU A 199 -12.72 -23.99 -15.22
N TYR A 200 -13.70 -23.58 -14.42
CA TYR A 200 -13.74 -23.91 -13.00
C TYR A 200 -15.04 -24.64 -12.70
N ARG A 201 -14.94 -25.92 -12.37
CA ARG A 201 -16.11 -26.70 -12.00
C ARG A 201 -16.69 -26.16 -10.70
N GLU A 202 -18.01 -26.00 -10.65
CA GLU A 202 -18.70 -25.38 -9.52
C GLU A 202 -18.14 -23.99 -9.25
N TYR A 203 -18.05 -23.19 -10.31
CA TYR A 203 -17.44 -21.87 -10.24
C TYR A 203 -18.21 -20.95 -9.30
N PRO A 204 -17.62 -20.51 -8.19
CA PRO A 204 -18.34 -19.63 -7.27
C PRO A 204 -18.39 -18.20 -7.77
N ASP A 205 -19.41 -17.88 -8.57
CA ASP A 205 -19.55 -16.55 -9.14
C ASP A 205 -19.75 -15.51 -8.04
N SER A 206 -18.83 -14.56 -7.97
CA SER A 206 -18.85 -13.51 -6.95
C SER A 206 -19.31 -12.17 -7.50
N CYS A 207 -19.49 -12.05 -8.81
CA CYS A 207 -19.86 -10.79 -9.45
C CYS A 207 -21.38 -10.71 -9.54
N LEU A 208 -21.97 -9.82 -8.74
CA LEU A 208 -23.42 -9.66 -8.67
C LEU A 208 -23.91 -8.71 -9.77
N ASN A 209 -25.19 -8.83 -10.09
CA ASN A 209 -25.78 -8.02 -11.15
C ASN A 209 -25.81 -6.55 -10.76
N GLY A 210 -25.55 -5.69 -11.75
CA GLY A 210 -25.57 -4.26 -11.54
C GLY A 210 -24.48 -3.72 -10.63
N LYS A 211 -23.50 -4.53 -10.27
CA LYS A 211 -22.45 -4.12 -9.35
C LYS A 211 -21.09 -4.12 -10.05
N LEU A 212 -20.14 -3.41 -9.43
CA LEU A 212 -18.78 -3.32 -9.93
C LEU A 212 -17.96 -4.49 -9.40
N CYS A 213 -17.31 -5.23 -10.33
CA CYS A 213 -16.66 -6.48 -9.92
C CYS A 213 -15.47 -6.75 -10.85
N LEU A 214 -14.36 -6.07 -10.56
CA LEU A 214 -13.13 -6.24 -11.32
C LEU A 214 -12.36 -7.48 -10.83
N MET A 215 -11.80 -8.21 -11.78
CA MET A 215 -11.00 -9.40 -11.50
C MET A 215 -9.52 -9.05 -11.60
N LYS A 216 -8.74 -9.51 -10.62
CA LYS A 216 -7.30 -9.34 -10.60
C LYS A 216 -6.63 -10.70 -10.47
N ALA A 217 -5.61 -10.92 -11.30
CA ALA A 217 -4.76 -12.10 -11.20
C ALA A 217 -3.34 -11.64 -10.89
N GLN A 218 -2.75 -12.24 -9.86
CA GLN A 218 -1.44 -11.84 -9.37
C GLN A 218 -0.65 -13.09 -9.00
N PRO A 219 0.68 -12.98 -8.92
CA PRO A 219 1.49 -14.14 -8.53
C PRO A 219 1.18 -14.60 -7.12
N THR A 220 1.34 -15.90 -6.90
CA THR A 220 1.14 -16.50 -5.59
C THR A 220 1.83 -17.85 -5.55
N SER A 221 2.16 -18.29 -4.33
CA SER A 221 2.62 -19.65 -4.13
C SER A 221 1.42 -20.59 -4.18
N TRP A 222 1.58 -21.70 -4.89
CA TRP A 222 0.46 -22.61 -5.08
C TRP A 222 0.02 -23.18 -3.74
N PRO A 223 -1.27 -23.09 -3.40
CA PRO A 223 -1.75 -23.71 -2.16
C PRO A 223 -1.60 -25.23 -2.23
N LEU A 224 -0.75 -25.76 -1.33
CA LEU A 224 -0.49 -27.19 -1.24
C LEU A 224 -1.72 -27.97 -0.78
N GLN A 225 -2.77 -27.26 -0.35
CA GLN A 225 -3.98 -27.84 0.21
C GLN A 225 -5.19 -27.62 -0.70
N CYS A 226 -4.97 -27.22 -1.95
CA CYS A 226 -6.04 -27.00 -2.90
C CYS A 226 -6.40 -28.31 -3.58
N PRO A 227 -7.69 -28.59 -3.75
CA PRO A 227 -8.10 -29.85 -4.38
C PRO A 227 -7.65 -29.93 -5.82
N LEU A 228 -7.22 -31.12 -6.23
CA LEU A 228 -6.84 -31.39 -7.61
C LEU A 228 -8.07 -31.84 -8.39
N ASP A 229 -8.44 -31.04 -9.39
CA ASP A 229 -9.59 -31.34 -10.25
C ASP A 229 -9.10 -31.36 -11.70
N HIS A 230 -9.12 -32.54 -12.31
CA HIS A 230 -8.61 -32.71 -13.66
C HIS A 230 -9.60 -32.28 -14.73
N VAL A 231 -10.89 -32.22 -14.40
CA VAL A 231 -11.87 -31.72 -15.36
C VAL A 231 -11.56 -30.29 -15.76
N ASN A 232 -11.12 -29.48 -14.79
CA ASN A 232 -10.71 -28.11 -15.09
C ASN A 232 -9.53 -28.08 -16.05
N THR A 233 -8.54 -28.95 -15.83
CA THR A 233 -7.39 -29.00 -16.73
C THR A 233 -7.82 -29.42 -18.13
N LEU A 234 -8.73 -30.39 -18.23
CA LEU A 234 -9.22 -30.82 -19.54
C LEU A 234 -9.93 -29.69 -20.27
N HIS A 235 -10.79 -28.95 -19.56
CA HIS A 235 -11.48 -27.83 -20.19
C HIS A 235 -10.50 -26.74 -20.59
N PHE A 236 -9.47 -26.52 -19.79
CA PHE A 236 -8.46 -25.51 -20.13
C PHE A 236 -7.69 -25.91 -21.38
N LEU A 237 -7.32 -27.19 -21.48
CA LEU A 237 -6.58 -27.64 -22.66
C LEU A 237 -7.44 -27.63 -23.91
N THR A 238 -8.73 -27.95 -23.78
CA THR A 238 -9.60 -28.00 -24.96
C THR A 238 -9.98 -26.60 -25.42
N ARG A 239 -10.45 -25.74 -24.51
CA ARG A 239 -10.82 -24.38 -24.88
C ARG A 239 -9.62 -23.53 -25.28
N GLY A 240 -8.42 -23.87 -24.82
CA GLY A 240 -7.24 -23.06 -25.10
C GLY A 240 -6.86 -22.99 -26.57
N LYS A 241 -7.36 -23.90 -27.40
CA LYS A 241 -7.03 -23.87 -28.82
C LYS A 241 -7.63 -22.63 -29.47
N ASN A 242 -6.90 -22.06 -30.42
CA ASN A 242 -7.36 -20.88 -31.14
C ASN A 242 -6.72 -20.80 -32.53
N ALA B 252 -7.58 -41.57 -40.21
CA ALA B 252 -7.55 -40.58 -39.13
C ALA B 252 -8.41 -41.03 -37.96
N PHE B 253 -8.10 -42.21 -37.42
CA PHE B 253 -8.84 -42.71 -36.26
C PHE B 253 -8.61 -41.83 -35.04
N PHE B 254 -7.35 -41.57 -34.70
CA PHE B 254 -6.95 -40.61 -33.67
C PHE B 254 -7.63 -40.92 -32.33
N SER B 255 -7.38 -42.14 -31.85
CA SER B 255 -7.88 -42.59 -30.55
C SER B 255 -6.83 -43.48 -29.93
N TRP B 256 -6.33 -43.10 -28.76
CA TRP B 256 -5.29 -43.87 -28.09
C TRP B 256 -5.79 -45.28 -27.78
N SER B 257 -5.25 -46.27 -28.47
CA SER B 257 -5.61 -47.66 -28.20
C SER B 257 -4.98 -48.11 -26.90
N LEU B 258 -5.79 -48.74 -26.05
CA LEU B 258 -5.30 -49.22 -24.76
C LEU B 258 -4.39 -50.43 -24.95
N THR B 259 -5.00 -51.60 -25.12
CA THR B 259 -4.29 -52.86 -25.35
C THR B 259 -3.05 -53.05 -24.45
N GLY B 269 -6.49 -58.41 -20.86
CA GLY B 269 -6.52 -58.01 -19.46
C GLY B 269 -5.69 -56.78 -19.16
N TYR B 270 -6.37 -55.68 -18.82
CA TYR B 270 -5.72 -54.41 -18.56
C TYR B 270 -5.68 -54.17 -17.06
N CYS B 271 -4.48 -54.01 -16.50
CA CYS B 271 -4.30 -53.85 -15.07
C CYS B 271 -3.94 -52.40 -14.74
N LEU B 272 -4.51 -51.90 -13.64
CA LEU B 272 -4.28 -50.54 -13.17
C LEU B 272 -3.30 -50.57 -12.01
N GLU B 273 -2.26 -49.76 -12.11
CA GLU B 273 -1.19 -49.68 -11.14
C GLU B 273 -1.69 -49.11 -9.81
N GLU B 274 -0.85 -49.27 -8.78
CA GLU B 274 -1.23 -48.82 -7.44
C GLU B 274 -1.35 -47.30 -7.35
N TRP B 275 -0.49 -46.58 -8.08
CA TRP B 275 -0.52 -45.12 -8.05
C TRP B 275 -1.68 -44.54 -8.85
N MET B 276 -2.40 -45.36 -9.62
CA MET B 276 -3.52 -44.90 -10.41
C MET B 276 -4.83 -44.83 -9.64
N LEU B 277 -4.96 -45.58 -8.55
CA LEU B 277 -6.21 -45.72 -7.82
C LEU B 277 -6.06 -45.25 -6.39
N VAL B 278 -7.17 -44.77 -5.82
CA VAL B 278 -7.18 -44.41 -4.40
C VAL B 278 -7.14 -45.65 -3.53
N ALA B 279 -7.46 -46.82 -4.08
CA ALA B 279 -7.35 -48.07 -3.35
C ALA B 279 -5.90 -48.47 -3.06
N ALA B 280 -4.93 -47.85 -3.75
CA ALA B 280 -3.51 -48.13 -3.56
C ALA B 280 -3.18 -49.60 -3.76
N LYS B 281 -3.95 -50.27 -4.62
CA LYS B 281 -3.69 -51.68 -4.93
C LYS B 281 -4.10 -51.94 -6.36
N MET B 282 -3.24 -52.64 -7.09
CA MET B 282 -3.46 -52.94 -8.50
C MET B 282 -4.83 -53.60 -8.70
N LYS B 283 -5.48 -53.25 -9.82
CA LYS B 283 -6.78 -53.83 -10.13
C LYS B 283 -6.86 -54.14 -11.62
N CYS B 284 -7.11 -55.39 -11.96
CA CYS B 284 -7.13 -55.83 -13.35
C CYS B 284 -8.56 -55.98 -13.85
N PHE B 285 -8.81 -55.52 -15.07
CA PHE B 285 -10.10 -55.62 -15.73
C PHE B 285 -9.96 -56.53 -16.95
N GLY B 286 -10.99 -57.33 -17.21
CA GLY B 286 -10.90 -58.34 -18.24
C GLY B 286 -10.76 -57.75 -19.64
N ASN B 287 -10.23 -58.58 -20.53
CA ASN B 287 -10.02 -58.16 -21.91
C ASN B 287 -11.33 -57.81 -22.60
N THR B 288 -12.39 -58.58 -22.32
CA THR B 288 -13.67 -58.34 -22.99
C THR B 288 -14.23 -56.97 -22.66
N ALA B 289 -14.01 -56.49 -21.44
CA ALA B 289 -14.55 -55.19 -21.06
C ALA B 289 -13.74 -54.06 -21.68
N VAL B 290 -12.41 -54.11 -21.54
CA VAL B 290 -11.56 -53.05 -22.08
C VAL B 290 -11.55 -53.05 -23.60
N ALA B 291 -11.96 -54.15 -24.23
CA ALA B 291 -12.09 -54.16 -25.69
C ALA B 291 -13.17 -53.20 -26.16
N LYS B 292 -14.21 -53.00 -25.36
CA LYS B 292 -15.25 -52.04 -25.70
C LYS B 292 -14.74 -50.61 -25.68
N CYS B 293 -13.66 -50.34 -24.94
CA CYS B 293 -13.12 -48.98 -24.90
C CYS B 293 -12.53 -48.56 -26.23
N ASN B 294 -12.10 -49.52 -27.05
CA ASN B 294 -11.49 -49.20 -28.34
C ASN B 294 -12.48 -48.48 -29.25
N LEU B 295 -12.15 -47.23 -29.60
CA LEU B 295 -12.91 -46.38 -30.51
C LEU B 295 -14.28 -45.99 -29.96
N ASN B 296 -14.52 -46.17 -28.66
CA ASN B 296 -15.76 -45.74 -28.02
C ASN B 296 -15.51 -44.40 -27.36
N HIS B 297 -16.17 -43.36 -27.83
CA HIS B 297 -16.02 -42.03 -27.25
C HIS B 297 -17.32 -41.56 -26.61
N ASP B 298 -17.93 -42.43 -25.81
CA ASP B 298 -19.05 -42.06 -24.96
C ASP B 298 -18.94 -42.75 -23.60
N SER B 299 -17.72 -43.00 -23.15
CA SER B 299 -17.46 -43.62 -21.85
C SER B 299 -16.37 -42.81 -21.16
N GLU B 300 -16.73 -42.13 -20.07
CA GLU B 300 -15.75 -41.38 -19.30
C GLU B 300 -14.68 -42.29 -18.72
N PHE B 301 -15.04 -43.53 -18.38
CA PHE B 301 -14.06 -44.48 -17.86
C PHE B 301 -12.97 -44.77 -18.88
N CYS B 302 -13.35 -44.94 -20.15
CA CYS B 302 -12.36 -45.18 -21.19
C CYS B 302 -11.48 -43.97 -21.42
N ASP B 303 -12.03 -42.77 -21.31
CA ASP B 303 -11.22 -41.56 -21.43
C ASP B 303 -10.20 -41.48 -20.29
N MET B 304 -10.62 -41.82 -19.08
CA MET B 304 -9.70 -41.84 -17.94
C MET B 304 -8.60 -42.88 -18.14
N LEU B 305 -8.98 -44.07 -18.61
CA LEU B 305 -8.00 -45.11 -18.88
C LEU B 305 -7.00 -44.66 -19.94
N ARG B 306 -7.47 -43.99 -21.00
CA ARG B 306 -6.57 -43.49 -22.02
C ARG B 306 -5.62 -42.42 -21.46
N LEU B 307 -6.13 -41.53 -20.61
CA LEU B 307 -5.28 -40.53 -19.99
C LEU B 307 -4.17 -41.19 -19.17
N PHE B 308 -4.56 -42.11 -18.29
CA PHE B 308 -3.56 -42.77 -17.43
C PHE B 308 -2.59 -43.60 -18.25
N ASP B 309 -3.05 -44.24 -19.32
CA ASP B 309 -2.18 -45.06 -20.15
C ASP B 309 -1.19 -44.19 -20.93
N TYR B 310 -1.66 -43.07 -21.46
CA TYR B 310 -0.77 -42.14 -22.14
C TYR B 310 0.29 -41.60 -21.19
N ASN B 311 -0.11 -41.30 -19.95
CA ASN B 311 0.88 -40.82 -18.97
C ASN B 311 1.89 -41.90 -18.64
N LYS B 312 1.43 -43.13 -18.38
CA LYS B 312 2.35 -44.22 -18.07
C LYS B 312 3.29 -44.52 -19.24
N ASN B 313 2.79 -44.34 -20.48
CA ASN B 313 3.65 -44.52 -21.66
C ASN B 313 4.70 -43.42 -21.73
N ALA B 314 4.29 -42.16 -21.55
CA ALA B 314 5.18 -41.01 -21.74
C ALA B 314 6.36 -41.02 -20.75
N ILE B 315 6.14 -41.46 -19.50
CA ILE B 315 7.25 -41.59 -18.55
C ILE B 315 8.17 -42.76 -18.87
N LYS B 316 7.94 -43.49 -19.98
CA LYS B 316 8.85 -44.55 -20.42
C LYS B 316 9.49 -44.22 -21.76
N THR B 317 8.69 -43.88 -22.77
CA THR B 317 9.21 -43.53 -24.09
C THR B 317 10.09 -42.29 -24.03
N LEU B 328 3.50 -29.44 -25.02
CA LEU B 328 4.14 -30.33 -24.07
C LEU B 328 3.09 -31.10 -23.26
N CYS B 329 1.93 -30.49 -23.09
CA CYS B 329 0.79 -31.15 -22.46
C CYS B 329 -0.47 -30.76 -23.20
N GLY B 330 -1.24 -31.76 -23.64
CA GLY B 330 -2.51 -31.51 -24.28
C GLY B 330 -2.47 -31.36 -25.79
N GLN B 331 -1.42 -31.86 -26.45
CA GLN B 331 -1.39 -31.81 -27.91
C GLN B 331 -2.21 -32.94 -28.51
N THR B 332 -2.17 -34.12 -27.89
CA THR B 332 -2.98 -35.27 -28.30
C THR B 332 -4.18 -35.46 -27.37
N ILE B 333 -4.75 -34.37 -26.87
CA ILE B 333 -5.79 -34.46 -25.85
C ILE B 333 -7.07 -35.04 -26.43
N ASN B 334 -7.39 -34.71 -27.68
CA ASN B 334 -8.61 -35.20 -28.30
C ASN B 334 -8.51 -36.64 -28.77
N ALA B 335 -7.31 -37.23 -28.72
CA ALA B 335 -7.15 -38.66 -28.94
C ALA B 335 -7.32 -39.45 -27.65
N LEU B 336 -7.34 -38.77 -26.50
CA LEU B 336 -7.49 -39.42 -25.20
C LEU B 336 -8.89 -39.27 -24.62
N ILE B 337 -9.50 -38.09 -24.77
CA ILE B 337 -10.82 -37.82 -24.21
C ILE B 337 -11.77 -37.43 -25.34
N SER B 338 -13.06 -37.61 -25.08
CA SER B 338 -14.11 -37.18 -25.99
C SER B 338 -14.51 -35.74 -25.64
N ASP B 339 -14.34 -34.84 -26.60
CA ASP B 339 -14.69 -33.43 -26.36
C ASP B 339 -16.19 -33.26 -26.17
N ASN B 340 -16.99 -33.98 -26.94
CA ASN B 340 -18.44 -33.83 -26.85
C ASN B 340 -18.97 -34.39 -25.53
N LEU B 341 -18.38 -35.46 -25.01
CA LEU B 341 -18.82 -35.99 -23.72
C LEU B 341 -18.47 -35.03 -22.59
N LEU B 342 -17.28 -34.43 -22.65
CA LEU B 342 -16.91 -33.42 -21.66
C LEU B 342 -17.84 -32.22 -21.74
N MET B 343 -18.17 -31.77 -22.95
CA MET B 343 -19.12 -30.66 -23.08
C MET B 343 -20.50 -31.03 -22.55
N LYS B 344 -20.95 -32.26 -22.84
CA LYS B 344 -22.21 -32.73 -22.29
C LYS B 344 -22.20 -32.63 -20.77
N ASN B 345 -21.18 -33.18 -20.13
CA ASN B 345 -21.12 -33.18 -18.68
C ASN B 345 -21.07 -31.76 -18.11
N LYS B 346 -20.37 -30.86 -18.80
CA LYS B 346 -20.33 -29.47 -18.34
C LYS B 346 -21.72 -28.83 -18.43
N ILE B 347 -22.42 -29.05 -19.53
CA ILE B 347 -23.77 -28.50 -19.70
C ILE B 347 -24.71 -29.08 -18.65
N ARG B 348 -24.54 -30.37 -18.32
CA ARG B 348 -25.39 -30.98 -17.30
C ARG B 348 -25.10 -30.40 -15.93
N GLU B 349 -23.82 -30.11 -15.64
CA GLU B 349 -23.48 -29.40 -14.41
C GLU B 349 -24.16 -28.04 -14.37
N LEU B 350 -24.13 -27.31 -15.48
CA LEU B 350 -24.68 -25.96 -15.49
C LEU B 350 -26.21 -25.96 -15.44
N MET B 351 -26.86 -27.02 -15.92
CA MET B 351 -28.31 -27.13 -15.83
C MET B 351 -28.77 -27.75 -14.51
N SER B 352 -27.86 -27.92 -13.54
CA SER B 352 -28.20 -28.40 -12.20
C SER B 352 -28.84 -29.79 -12.23
N VAL B 353 -28.32 -30.64 -13.11
CA VAL B 353 -28.70 -32.05 -13.16
C VAL B 353 -27.44 -32.87 -12.88
N PRO B 354 -27.59 -34.16 -12.55
CA PRO B 354 -26.41 -34.97 -12.26
C PRO B 354 -25.47 -35.05 -13.45
N TYR B 355 -24.17 -35.11 -13.14
CA TYR B 355 -23.13 -35.17 -14.17
C TYR B 355 -21.97 -35.98 -13.61
N CYS B 356 -20.95 -36.18 -14.46
CA CYS B 356 -19.83 -37.06 -14.16
C CYS B 356 -18.62 -36.24 -13.70
N ASN B 357 -18.02 -36.65 -12.59
CA ASN B 357 -16.81 -36.00 -12.09
C ASN B 357 -15.53 -36.66 -12.58
N TYR B 358 -15.64 -37.71 -13.40
CA TYR B 358 -14.49 -38.43 -13.94
C TYR B 358 -13.58 -38.94 -12.82
N THR B 359 -14.20 -39.34 -11.70
CA THR B 359 -13.45 -39.76 -10.53
C THR B 359 -13.80 -41.17 -10.08
N LYS B 360 -15.06 -41.42 -9.70
CA LYS B 360 -15.49 -42.72 -9.23
C LYS B 360 -16.35 -43.41 -10.29
N PHE B 361 -16.18 -44.72 -10.43
CA PHE B 361 -16.90 -45.50 -11.42
C PHE B 361 -17.38 -46.79 -10.80
N TRP B 362 -18.50 -47.31 -11.32
CA TRP B 362 -19.13 -48.50 -10.78
C TRP B 362 -19.31 -49.55 -11.87
N TYR B 363 -19.32 -50.81 -11.47
CA TYR B 363 -19.50 -51.92 -12.39
C TYR B 363 -20.10 -53.10 -11.66
N VAL B 364 -20.64 -54.04 -12.44
CA VAL B 364 -21.21 -55.28 -11.91
C VAL B 364 -20.23 -56.41 -12.19
N ASN B 365 -19.93 -57.21 -11.16
CA ASN B 365 -18.94 -58.27 -11.25
C ASN B 365 -19.58 -59.59 -10.86
N HIS B 366 -19.54 -60.56 -11.76
CA HIS B 366 -19.92 -61.94 -11.44
C HIS B 366 -18.77 -62.56 -10.67
N THR B 367 -18.94 -62.67 -9.35
CA THR B 367 -17.85 -63.11 -8.47
C THR B 367 -17.33 -64.49 -8.86
N LEU B 368 -18.24 -65.39 -9.28
CA LEU B 368 -17.84 -66.75 -9.61
C LEU B 368 -16.84 -66.77 -10.76
N SER B 369 -17.24 -66.28 -11.93
CA SER B 369 -16.40 -66.35 -13.12
C SER B 369 -15.45 -65.18 -13.27
N GLY B 370 -15.65 -64.10 -12.52
CA GLY B 370 -14.81 -62.93 -12.65
C GLY B 370 -15.13 -62.01 -13.80
N GLN B 371 -16.15 -62.34 -14.61
CA GLN B 371 -16.54 -61.48 -15.70
C GLN B 371 -17.33 -60.30 -15.18
N HIS B 372 -17.07 -59.12 -15.75
CA HIS B 372 -17.67 -57.88 -15.28
C HIS B 372 -18.06 -57.02 -16.46
N SER B 373 -18.81 -55.95 -16.17
CA SER B 373 -19.23 -55.00 -17.19
C SER B 373 -18.21 -53.86 -17.28
N LEU B 374 -18.32 -53.08 -18.34
CA LEU B 374 -17.50 -51.89 -18.50
C LEU B 374 -17.93 -50.85 -17.48
N PRO B 375 -17.03 -50.38 -16.61
CA PRO B 375 -17.45 -49.44 -15.56
C PRO B 375 -18.05 -48.17 -16.12
N ARG B 376 -19.09 -47.68 -15.43
CA ARG B 376 -19.78 -46.46 -15.79
C ARG B 376 -19.59 -45.42 -14.68
N CYS B 377 -19.84 -44.17 -15.02
CA CYS B 377 -19.58 -43.08 -14.08
C CYS B 377 -20.63 -43.06 -12.96
N TRP B 378 -20.16 -42.84 -11.73
CA TRP B 378 -21.04 -42.59 -10.59
C TRP B 378 -21.28 -41.08 -10.53
N LEU B 379 -22.48 -40.67 -10.92
CA LEU B 379 -22.75 -39.26 -11.14
C LEU B 379 -22.91 -38.52 -9.81
N ILE B 380 -22.67 -37.21 -9.86
CA ILE B 380 -22.78 -36.35 -8.68
C ILE B 380 -23.85 -35.30 -8.93
N LYS B 381 -24.43 -34.80 -7.84
CA LYS B 381 -25.40 -33.72 -7.86
C LYS B 381 -25.27 -32.97 -6.55
N ASN B 382 -25.13 -31.65 -6.62
CA ASN B 382 -24.87 -30.82 -5.45
C ASN B 382 -23.62 -31.29 -4.70
N ASN B 383 -22.57 -31.58 -5.46
CA ASN B 383 -21.26 -31.98 -4.94
C ASN B 383 -21.32 -33.26 -4.12
N SER B 384 -22.34 -34.09 -4.32
CA SER B 384 -22.44 -35.37 -3.64
C SER B 384 -22.73 -36.46 -4.65
N TYR B 385 -22.09 -37.63 -4.47
CA TYR B 385 -22.41 -38.78 -5.29
C TYR B 385 -23.86 -39.19 -5.09
N LEU B 386 -24.53 -39.52 -6.19
CA LEU B 386 -25.93 -39.92 -6.12
C LEU B 386 -26.09 -41.14 -5.23
N ASN B 387 -27.19 -41.19 -4.50
CA ASN B 387 -27.52 -42.40 -3.77
C ASN B 387 -27.75 -43.54 -4.76
N ILE B 388 -27.49 -44.76 -4.27
CA ILE B 388 -27.48 -45.94 -5.14
C ILE B 388 -28.86 -46.15 -5.76
N SER B 389 -29.91 -46.10 -4.93
CA SER B 389 -31.27 -46.25 -5.43
C SER B 389 -31.57 -45.27 -6.55
N ASP B 390 -31.04 -44.05 -6.46
CA ASP B 390 -31.36 -43.01 -7.42
C ASP B 390 -30.80 -43.31 -8.81
N PHE B 391 -30.08 -44.43 -8.96
CA PHE B 391 -29.75 -44.89 -10.31
C PHE B 391 -29.83 -46.41 -10.41
N ARG B 392 -30.75 -47.03 -9.66
CA ARG B 392 -30.81 -48.48 -9.64
C ARG B 392 -31.09 -49.06 -11.02
N ASN B 393 -31.97 -48.41 -11.80
CA ASN B 393 -32.27 -48.86 -13.14
C ASN B 393 -31.01 -49.07 -13.96
N ASP B 394 -29.93 -48.39 -13.60
CA ASP B 394 -28.70 -48.53 -14.37
C ASP B 394 -27.95 -49.81 -14.03
N TRP B 395 -27.83 -50.15 -12.75
CA TRP B 395 -27.07 -51.35 -12.41
C TRP B 395 -27.92 -52.62 -12.42
N ILE B 396 -29.24 -52.49 -12.42
CA ILE B 396 -30.09 -53.63 -12.75
C ILE B 396 -29.88 -53.99 -14.22
N LEU B 397 -30.11 -53.02 -15.11
CA LEU B 397 -29.97 -53.25 -16.55
C LEU B 397 -28.59 -53.80 -16.89
N GLU B 398 -27.54 -53.16 -16.37
CA GLU B 398 -26.19 -53.68 -16.56
C GLU B 398 -26.09 -55.14 -16.12
N SER B 399 -26.55 -55.44 -14.91
CA SER B 399 -26.48 -56.81 -14.42
C SER B 399 -27.27 -57.75 -15.31
N ASP B 400 -28.29 -57.23 -16.00
CA ASP B 400 -28.97 -58.03 -17.02
C ASP B 400 -28.02 -58.29 -18.19
N PHE B 401 -27.51 -57.22 -18.81
CA PHE B 401 -26.68 -57.37 -20.00
C PHE B 401 -25.50 -58.30 -19.77
N LEU B 402 -24.82 -58.12 -18.63
CA LEU B 402 -23.72 -59.01 -18.27
C LEU B 402 -24.12 -60.47 -18.41
N ILE B 403 -25.20 -60.87 -17.74
CA ILE B 403 -25.67 -62.25 -17.84
C ILE B 403 -25.90 -62.61 -19.30
N SER B 404 -26.53 -61.71 -20.05
CA SER B 404 -26.82 -62.00 -21.46
C SER B 404 -25.55 -62.26 -22.24
N GLU B 405 -24.47 -61.54 -21.93
CA GLU B 405 -23.23 -61.75 -22.66
C GLU B 405 -22.36 -62.84 -22.06
N MET B 406 -22.73 -63.37 -20.89
CA MET B 406 -22.04 -64.55 -20.37
C MET B 406 -22.60 -65.82 -21.02
N LEU B 407 -23.92 -65.94 -21.07
CA LEU B 407 -24.54 -67.08 -21.74
C LEU B 407 -24.19 -67.11 -23.22
N SER B 408 -23.95 -65.95 -23.83
CA SER B 408 -23.52 -65.92 -25.22
C SER B 408 -22.07 -66.39 -25.35
N LYS B 409 -21.25 -66.22 -24.31
CA LYS B 409 -19.90 -66.74 -24.34
C LYS B 409 -19.88 -68.24 -24.07
N GLU B 410 -20.77 -68.71 -23.19
CA GLU B 410 -20.84 -70.13 -22.89
C GLU B 410 -21.30 -70.94 -24.09
N TYR B 411 -22.12 -70.36 -24.96
CA TYR B 411 -22.63 -71.07 -26.13
C TYR B 411 -21.62 -71.13 -27.26
N SER B 412 -20.67 -70.19 -27.31
CA SER B 412 -19.67 -70.18 -28.37
C SER B 412 -18.70 -71.34 -28.23
N SER C 4 3.00 15.01 -12.63
CA SER C 4 2.79 14.58 -11.25
C SER C 4 1.37 14.87 -10.79
N VAL C 5 0.85 14.02 -9.92
CA VAL C 5 -0.48 14.19 -9.34
C VAL C 5 -0.37 15.10 -8.12
N VAL C 6 -1.19 16.14 -8.09
CA VAL C 6 -1.21 17.09 -6.99
C VAL C 6 -2.36 16.73 -6.06
N MET C 7 -2.02 16.42 -4.80
CA MET C 7 -3.02 16.16 -3.76
C MET C 7 -3.23 17.46 -2.99
N THR C 8 -4.40 18.06 -3.16
CA THR C 8 -4.69 19.41 -2.66
C THR C 8 -5.50 19.32 -1.38
N GLN C 9 -4.94 19.83 -0.28
CA GLN C 9 -5.66 20.01 0.99
C GLN C 9 -5.75 21.52 1.21
N SER C 10 -6.91 22.09 0.88
CA SER C 10 -7.06 23.54 0.87
C SER C 10 -7.10 24.14 2.28
N GLN C 11 -7.44 23.34 3.29
CA GLN C 11 -7.51 23.83 4.67
C GLN C 11 -6.19 23.50 5.37
N LYS C 12 -5.36 24.52 5.56
CA LYS C 12 -4.08 24.32 6.23
C LYS C 12 -4.27 24.05 7.72
N PHE C 13 -5.21 24.76 8.35
CA PHE C 13 -5.52 24.57 9.75
C PHE C 13 -7.02 24.34 9.92
N MET C 14 -7.38 23.60 10.96
CA MET C 14 -8.79 23.35 11.26
C MET C 14 -8.94 23.20 12.77
N SER C 15 -9.80 24.02 13.36
CA SER C 15 -10.01 24.00 14.80
C SER C 15 -11.19 23.10 15.14
N THR C 16 -11.16 22.54 16.34
CA THR C 16 -12.21 21.65 16.81
C THR C 16 -12.18 21.62 18.34
N SER C 17 -13.23 21.03 18.91
CA SER C 17 -13.30 20.80 20.34
C SER C 17 -13.42 19.30 20.60
N VAL C 18 -12.97 18.89 21.80
CA VAL C 18 -13.04 17.48 22.16
C VAL C 18 -14.50 17.03 22.15
N GLY C 19 -14.79 16.01 21.35
CA GLY C 19 -16.13 15.46 21.22
C GLY C 19 -16.81 15.80 19.91
N ASP C 20 -16.34 16.83 19.21
CA ASP C 20 -16.95 17.21 17.94
C ASP C 20 -16.62 16.17 16.87
N ARG C 21 -17.12 16.41 15.66
CA ARG C 21 -16.80 15.61 14.50
C ARG C 21 -16.13 16.49 13.46
N VAL C 22 -14.98 16.03 12.95
CA VAL C 22 -14.16 16.83 12.05
C VAL C 22 -13.97 16.08 10.75
N SER C 23 -13.87 16.84 9.65
CA SER C 23 -13.77 16.27 8.30
C SER C 23 -12.70 17.01 7.52
N ILE C 24 -11.62 16.31 7.20
CA ILE C 24 -10.51 16.86 6.41
C ILE C 24 -10.65 16.35 4.99
N THR C 25 -10.51 17.25 4.02
CA THR C 25 -10.72 16.93 2.62
C THR C 25 -9.40 16.87 1.87
N CYS C 26 -9.43 16.22 0.71
CA CYS C 26 -8.27 16.10 -0.16
C CYS C 26 -8.80 15.93 -1.59
N LYS C 27 -8.15 16.61 -2.53
CA LYS C 27 -8.58 16.61 -3.92
C LYS C 27 -7.37 16.37 -4.81
N ALA C 28 -7.42 15.32 -5.61
CA ALA C 28 -6.33 14.96 -6.51
C ALA C 28 -6.51 15.66 -7.85
N SER C 29 -5.39 16.13 -8.41
CA SER C 29 -5.43 16.77 -9.72
C SER C 29 -5.72 15.78 -10.84
N GLN C 30 -5.61 14.48 -10.57
CA GLN C 30 -5.91 13.45 -11.55
C GLN C 30 -6.79 12.39 -10.89
N ILE C 31 -7.45 11.60 -11.73
CA ILE C 31 -8.28 10.50 -11.23
C ILE C 31 -7.37 9.39 -10.74
N VAL C 32 -7.50 9.04 -9.46
CA VAL C 32 -6.69 8.01 -8.83
C VAL C 32 -7.52 6.88 -8.26
N GLY C 33 -8.80 6.82 -8.62
CA GLY C 33 -9.66 5.73 -8.16
C GLY C 33 -9.78 5.73 -6.64
N THR C 34 -9.38 4.61 -6.03
CA THR C 34 -9.36 4.48 -4.58
C THR C 34 -7.95 4.23 -4.05
N SER C 35 -6.93 4.50 -4.86
CA SER C 35 -5.54 4.27 -4.47
C SER C 35 -5.02 5.42 -3.60
N VAL C 36 -5.65 5.57 -2.43
CA VAL C 36 -5.40 6.69 -1.55
C VAL C 36 -5.21 6.20 -0.12
N ALA C 37 -4.23 6.77 0.56
CA ALA C 37 -3.96 6.50 1.97
C ALA C 37 -3.99 7.80 2.76
N TRP C 38 -4.34 7.68 4.04
CA TRP C 38 -4.40 8.79 4.96
C TRP C 38 -3.45 8.53 6.13
N TYR C 39 -2.62 9.53 6.46
CA TYR C 39 -1.59 9.43 7.49
C TYR C 39 -1.75 10.55 8.52
N GLN C 40 -1.31 10.25 9.74
CA GLN C 40 -1.26 11.19 10.85
C GLN C 40 0.19 11.40 11.28
N GLN C 41 0.53 12.63 11.63
CA GLN C 41 1.89 12.96 12.05
C GLN C 41 1.85 14.03 13.13
N LYS C 42 2.70 13.85 14.15
CA LYS C 42 2.81 14.77 15.27
C LYS C 42 4.22 15.32 15.34
N ALA C 43 4.34 16.65 15.44
CA ALA C 43 5.62 17.32 15.69
C ALA C 43 6.70 16.90 14.70
N GLY C 44 6.31 16.60 13.47
CA GLY C 44 7.26 16.18 12.45
C GLY C 44 7.95 14.86 12.74
N GLN C 45 7.37 14.02 13.59
CA GLN C 45 7.96 12.73 13.91
C GLN C 45 7.55 11.71 12.85
N SER C 46 7.74 10.43 13.17
CA SER C 46 7.39 9.37 12.23
C SER C 46 5.89 9.35 11.99
N PRO C 47 5.44 9.35 10.73
CA PRO C 47 4.00 9.34 10.45
C PRO C 47 3.37 8.01 10.82
N LYS C 48 2.04 8.01 10.89
CA LYS C 48 1.25 6.86 11.27
C LYS C 48 0.23 6.58 10.17
N LEU C 49 0.25 5.37 9.63
CA LEU C 49 -0.73 4.98 8.62
C LEU C 49 -2.10 4.82 9.26
N LEU C 50 -3.10 5.50 8.71
CA LEU C 50 -4.47 5.45 9.22
C LEU C 50 -5.41 4.74 8.27
N ILE C 51 -5.43 5.14 7.00
CA ILE C 51 -6.39 4.63 6.03
C ILE C 51 -5.66 4.20 4.78
N TYR C 52 -6.10 3.10 4.16
CA TYR C 52 -5.62 2.71 2.85
C TYR C 52 -6.80 2.24 2.00
N TRP C 53 -6.56 2.19 0.69
CA TRP C 53 -7.61 1.95 -0.31
C TRP C 53 -8.82 2.85 -0.06
N ALA C 54 -8.53 4.10 0.33
CA ALA C 54 -9.51 5.19 0.46
C ALA C 54 -10.50 5.00 1.60
N SER C 55 -10.82 3.76 1.97
CA SER C 55 -11.89 3.52 2.93
C SER C 55 -11.59 2.45 3.97
N THR C 56 -10.43 1.79 3.92
CA THR C 56 -10.13 0.70 4.83
C THR C 56 -9.23 1.20 5.96
N ARG C 57 -9.64 0.94 7.19
CA ARG C 57 -8.89 1.38 8.36
C ARG C 57 -7.77 0.40 8.68
N HIS C 58 -6.60 0.94 8.98
CA HIS C 58 -5.44 0.12 9.34
C HIS C 58 -5.62 -0.44 10.76
N THR C 59 -5.02 -1.60 10.99
CA THR C 59 -5.13 -2.25 12.29
C THR C 59 -4.43 -1.43 13.36
N GLY C 60 -5.09 -1.30 14.52
CA GLY C 60 -4.59 -0.48 15.60
C GLY C 60 -5.12 0.93 15.63
N VAL C 61 -5.74 1.39 14.55
CA VAL C 61 -6.32 2.74 14.51
C VAL C 61 -7.69 2.71 15.18
N PRO C 62 -8.00 3.66 16.06
CA PRO C 62 -9.33 3.69 16.67
C PRO C 62 -10.42 3.84 15.63
N ASP C 63 -11.62 3.34 15.97
CA ASP C 63 -12.76 3.44 15.06
C ASP C 63 -13.33 4.85 14.96
N ARG C 64 -12.72 5.83 15.64
CA ARG C 64 -13.09 7.22 15.41
C ARG C 64 -12.71 7.69 14.01
N PHE C 65 -11.73 7.03 13.39
CA PHE C 65 -11.25 7.41 12.06
C PHE C 65 -11.98 6.59 11.01
N THR C 66 -12.67 7.27 10.10
CA THR C 66 -13.24 6.68 8.90
C THR C 66 -12.79 7.51 7.71
N ALA C 67 -13.02 6.98 6.51
CA ALA C 67 -12.62 7.69 5.31
C ALA C 67 -13.45 7.22 4.14
N GLY C 68 -13.52 8.06 3.12
CA GLY C 68 -14.30 7.74 1.93
C GLY C 68 -13.84 8.55 0.73
N GLY C 69 -14.40 8.20 -0.42
CA GLY C 69 -14.10 8.88 -1.66
C GLY C 69 -13.65 7.92 -2.74
N SER C 70 -13.83 8.34 -4.00
CA SER C 70 -13.41 7.53 -5.13
C SER C 70 -13.34 8.43 -6.36
N GLY C 71 -12.16 8.51 -6.98
CA GLY C 71 -11.96 9.37 -8.13
C GLY C 71 -10.95 10.46 -7.85
N THR C 72 -11.43 11.62 -7.39
CA THR C 72 -10.56 12.74 -7.03
C THR C 72 -10.85 13.33 -5.67
N ASP C 73 -12.05 13.15 -5.11
CA ASP C 73 -12.45 13.78 -3.85
C ASP C 73 -12.43 12.73 -2.75
N PHE C 74 -11.59 12.93 -1.74
CA PHE C 74 -11.45 12.01 -0.63
C PHE C 74 -11.59 12.76 0.68
N THR C 75 -12.17 12.09 1.68
CA THR C 75 -12.50 12.73 2.94
C THR C 75 -12.16 11.81 4.09
N LEU C 76 -11.37 12.31 5.03
CA LEU C 76 -11.08 11.65 6.30
C LEU C 76 -11.96 12.26 7.38
N THR C 77 -12.63 11.42 8.16
CA THR C 77 -13.58 11.88 9.17
C THR C 77 -13.20 11.32 10.52
N ILE C 78 -13.10 12.20 11.51
CA ILE C 78 -12.83 11.81 12.89
C ILE C 78 -14.05 12.16 13.71
N THR C 79 -14.75 11.13 14.20
CA THR C 79 -15.90 11.31 15.07
C THR C 79 -15.45 11.21 16.52
N ASN C 80 -16.00 12.10 17.36
CA ASN C 80 -15.67 12.17 18.78
C ASN C 80 -14.16 12.35 18.97
N VAL C 81 -13.72 13.55 18.56
CA VAL C 81 -12.29 13.85 18.57
C VAL C 81 -11.77 13.87 20.01
N GLN C 82 -10.59 13.31 20.21
CA GLN C 82 -9.90 13.31 21.48
C GLN C 82 -8.69 14.24 21.41
N SER C 83 -8.12 14.53 22.59
CA SER C 83 -6.94 15.38 22.64
C SER C 83 -5.76 14.72 21.92
N GLU C 84 -5.65 13.39 22.01
CA GLU C 84 -4.61 12.66 21.31
C GLU C 84 -4.75 12.74 19.80
N ASP C 85 -5.94 13.09 19.30
CA ASP C 85 -6.16 13.17 17.86
C ASP C 85 -5.71 14.49 17.25
N LEU C 86 -5.32 15.47 18.06
CA LEU C 86 -4.82 16.74 17.54
C LEU C 86 -3.44 16.52 16.94
N ALA C 87 -3.35 16.62 15.61
CA ALA C 87 -2.11 16.37 14.89
C ALA C 87 -2.27 16.88 13.47
N ASP C 88 -1.27 16.62 12.64
CA ASP C 88 -1.35 16.90 11.21
C ASP C 88 -1.83 15.66 10.48
N TYR C 89 -2.61 15.88 9.43
CA TYR C 89 -3.19 14.80 8.64
C TYR C 89 -2.95 15.07 7.17
N PHE C 90 -2.54 14.04 6.43
CA PHE C 90 -2.31 14.23 5.00
C PHE C 90 -2.66 12.98 4.21
N CYS C 91 -3.05 13.20 2.95
CA CYS C 91 -3.39 12.14 2.01
C CYS C 91 -2.19 11.78 1.15
N GLN C 92 -2.31 10.64 0.46
CA GLN C 92 -1.30 10.16 -0.46
C GLN C 92 -1.97 9.33 -1.53
N GLN C 93 -1.50 9.48 -2.77
CA GLN C 93 -1.91 8.61 -3.86
C GLN C 93 -0.76 7.67 -4.21
N TYR C 94 -1.10 6.43 -4.54
CA TYR C 94 -0.13 5.45 -5.01
C TYR C 94 -0.60 4.80 -6.31
N ALA C 95 -1.36 5.54 -7.13
CA ALA C 95 -1.80 5.03 -8.40
C ALA C 95 -0.74 5.14 -9.48
N THR C 96 0.23 6.04 -9.32
CA THR C 96 1.26 6.23 -10.33
C THR C 96 2.52 6.81 -9.69
N TYR C 97 3.65 6.56 -10.35
CA TYR C 97 4.90 7.18 -9.92
C TYR C 97 4.96 8.61 -10.44
N PRO C 98 5.50 9.55 -9.66
CA PRO C 98 6.01 9.39 -8.30
C PRO C 98 4.88 9.41 -7.28
N LEU C 99 5.02 8.69 -6.17
CA LEU C 99 4.05 8.81 -5.08
C LEU C 99 4.07 10.24 -4.55
N THR C 100 2.89 10.82 -4.39
CA THR C 100 2.76 12.20 -3.94
C THR C 100 1.84 12.27 -2.74
N PHE C 101 2.10 13.26 -1.88
CA PHE C 101 1.36 13.44 -0.64
C PHE C 101 0.71 14.82 -0.62
N GLY C 102 -0.27 14.98 0.25
CA GLY C 102 -0.92 16.27 0.41
C GLY C 102 -0.08 17.25 1.20
N SER C 103 -0.42 18.54 1.04
CA SER C 103 0.29 19.59 1.74
C SER C 103 0.14 19.44 3.25
N GLY C 104 -1.02 18.99 3.71
CA GLY C 104 -1.24 18.75 5.12
C GLY C 104 -2.34 19.59 5.71
N THR C 105 -2.90 19.13 6.83
CA THR C 105 -3.92 19.87 7.56
C THR C 105 -3.68 19.68 9.05
N LYS C 106 -3.39 20.76 9.75
CA LYS C 106 -3.14 20.72 11.18
C LYS C 106 -4.45 20.89 11.94
N LEU C 107 -4.71 19.95 12.86
CA LEU C 107 -5.93 19.97 13.67
C LEU C 107 -5.60 20.65 15.00
N GLU C 108 -6.18 21.80 15.24
CA GLU C 108 -5.93 22.59 16.44
C GLU C 108 -7.17 22.63 17.32
N LEU C 109 -6.99 23.14 18.53
CA LEU C 109 -8.03 23.11 19.56
C LEU C 109 -8.80 24.43 19.57
N LYS C 110 -10.12 24.33 19.57
CA LYS C 110 -10.97 25.51 19.56
C LYS C 110 -11.00 26.14 20.95
N ARG C 111 -11.02 27.47 20.98
CA ARG C 111 -10.81 28.21 22.21
C ARG C 111 -11.53 29.54 22.12
N THR C 112 -11.79 30.16 23.28
CA THR C 112 -12.40 31.47 23.30
C THR C 112 -11.39 32.54 22.89
N ASP C 113 -11.91 33.66 22.39
CA ASP C 113 -11.06 34.69 21.82
C ASP C 113 -10.23 35.39 22.89
N ALA C 114 -9.02 35.77 22.52
CA ALA C 114 -8.11 36.51 23.39
C ALA C 114 -7.39 37.56 22.57
N ALA C 115 -7.10 38.69 23.20
CA ALA C 115 -6.41 39.79 22.55
C ALA C 115 -4.90 39.70 22.81
N PRO C 116 -4.08 40.15 21.87
CA PRO C 116 -2.63 40.03 22.04
C PRO C 116 -2.09 41.04 23.04
N THR C 117 -1.09 40.62 23.80
CA THR C 117 -0.31 41.51 24.64
C THR C 117 0.87 42.01 23.80
N VAL C 118 0.87 43.30 23.46
CA VAL C 118 1.85 43.88 22.56
C VAL C 118 2.91 44.60 23.39
N SER C 119 4.18 44.41 23.01
CA SER C 119 5.28 45.00 23.76
C SER C 119 6.42 45.33 22.79
N ILE C 120 6.78 46.61 22.71
CA ILE C 120 7.79 47.09 21.78
C ILE C 120 9.10 47.35 22.53
N PHE C 121 10.21 46.96 21.92
CA PHE C 121 11.52 46.97 22.56
C PHE C 121 12.52 47.66 21.65
N PRO C 122 13.11 48.77 22.08
CA PRO C 122 14.13 49.44 21.28
C PRO C 122 15.42 48.64 21.24
N PRO C 123 16.34 48.97 20.33
CA PRO C 123 17.59 48.20 20.24
C PRO C 123 18.49 48.41 21.43
N SER C 124 19.26 47.38 21.76
CA SER C 124 20.20 47.45 22.86
C SER C 124 21.39 48.35 22.51
N SER C 125 22.13 48.74 23.55
CA SER C 125 23.34 49.52 23.32
C SER C 125 24.45 48.65 22.74
N GLU C 126 24.55 47.40 23.20
CA GLU C 126 25.56 46.49 22.67
C GLU C 126 25.36 46.26 21.18
N GLN C 127 24.10 46.17 20.75
CA GLN C 127 23.83 46.00 19.32
C GLN C 127 24.20 47.24 18.53
N LEU C 128 23.90 48.43 19.06
CA LEU C 128 24.30 49.66 18.41
C LEU C 128 25.82 49.76 18.29
N THR C 129 26.55 49.22 19.27
CA THR C 129 28.00 49.17 19.16
C THR C 129 28.42 48.33 17.95
N SER C 130 27.71 47.23 17.69
CA SER C 130 28.05 46.34 16.58
C SER C 130 27.57 46.86 15.23
N GLY C 131 27.00 48.06 15.17
CA GLY C 131 26.60 48.64 13.91
C GLY C 131 25.19 48.35 13.46
N GLY C 132 24.45 47.51 14.19
CA GLY C 132 23.08 47.18 13.84
C GLY C 132 22.09 47.70 14.88
N ALA C 133 20.81 47.60 14.52
CA ALA C 133 19.74 48.05 15.41
C ALA C 133 18.49 47.23 15.08
N SER C 134 18.05 46.42 16.04
CA SER C 134 16.86 45.61 15.87
C SER C 134 15.80 46.09 16.85
N VAL C 135 14.67 46.54 16.31
CA VAL C 135 13.51 46.90 17.09
C VAL C 135 12.57 45.69 17.12
N VAL C 136 12.22 45.25 18.32
CA VAL C 136 11.45 44.02 18.49
C VAL C 136 10.03 44.38 18.92
N CYS C 137 9.08 43.52 18.56
CA CYS C 137 7.69 43.68 18.97
C CYS C 137 7.12 42.30 19.24
N PHE C 138 6.83 42.02 20.52
CA PHE C 138 6.19 40.77 20.91
C PHE C 138 4.68 40.96 20.95
N LEU C 139 3.96 39.93 20.49
CA LEU C 139 2.50 39.89 20.52
C LEU C 139 2.15 38.53 21.11
N ASN C 140 1.90 38.49 22.41
CA ASN C 140 1.80 37.25 23.15
C ASN C 140 0.37 36.89 23.49
N ASN C 141 0.05 35.61 23.39
CA ASN C 141 -1.20 35.01 23.87
C ASN C 141 -2.43 35.66 23.24
N PHE C 142 -2.72 35.30 21.99
CA PHE C 142 -3.92 35.74 21.31
C PHE C 142 -4.61 34.55 20.68
N TYR C 143 -5.90 34.73 20.39
CA TYR C 143 -6.71 33.74 19.70
C TYR C 143 -7.89 34.46 19.05
N PRO C 144 -8.21 34.15 17.76
CA PRO C 144 -7.53 33.20 16.86
C PRO C 144 -6.20 33.69 16.32
N LYS C 145 -5.52 32.87 15.51
CA LYS C 145 -4.17 33.16 15.04
C LYS C 145 -4.13 34.21 13.93
N ASP C 146 -5.26 34.58 13.36
CA ASP C 146 -5.30 35.49 12.22
C ASP C 146 -5.05 36.91 12.71
N ILE C 147 -3.80 37.38 12.59
CA ILE C 147 -3.44 38.74 12.96
C ILE C 147 -2.62 39.35 11.84
N ASN C 148 -2.64 40.69 11.76
CA ASN C 148 -1.82 41.43 10.82
C ASN C 148 -0.99 42.44 11.58
N VAL C 149 0.29 42.54 11.23
CA VAL C 149 1.22 43.41 11.95
C VAL C 149 1.87 44.37 10.98
N LYS C 150 1.84 45.66 11.31
CA LYS C 150 2.42 46.71 10.49
C LYS C 150 3.39 47.53 11.33
N TRP C 151 4.33 48.17 10.64
CA TRP C 151 5.37 48.96 11.27
C TRP C 151 5.35 50.38 10.73
N LYS C 152 5.26 51.35 11.63
CA LYS C 152 5.22 52.76 11.25
C LYS C 152 6.44 53.45 11.81
N ILE C 153 7.37 53.81 10.93
CA ILE C 153 8.51 54.63 11.28
C ILE C 153 8.16 56.05 10.88
N ASP C 154 7.97 56.91 11.88
CA ASP C 154 7.54 58.29 11.67
C ASP C 154 6.29 58.36 10.78
N GLY C 155 5.40 57.40 10.96
CA GLY C 155 4.16 57.41 10.20
C GLY C 155 4.23 56.56 8.95
N SER C 156 5.41 56.48 8.35
CA SER C 156 5.58 55.76 7.10
C SER C 156 5.63 54.26 7.36
N GLU C 157 4.82 53.50 6.63
CA GLU C 157 4.77 52.06 6.81
C GLU C 157 5.98 51.40 6.16
N ARG C 158 6.70 50.61 6.94
CA ARG C 158 7.91 49.91 6.49
C ARG C 158 7.61 48.43 6.33
N GLN C 159 8.08 47.86 5.22
CA GLN C 159 8.07 46.42 5.02
C GLN C 159 9.44 45.85 4.72
N ASN C 160 10.45 46.69 4.52
CA ASN C 160 11.81 46.24 4.27
C ASN C 160 12.53 46.04 5.59
N GLY C 161 12.92 44.80 5.89
CA GLY C 161 13.58 44.47 7.13
C GLY C 161 12.71 43.78 8.16
N VAL C 162 11.45 43.51 7.83
CA VAL C 162 10.55 42.83 8.75
C VAL C 162 10.86 41.34 8.77
N LEU C 163 11.09 40.80 9.97
CA LEU C 163 11.22 39.37 10.18
C LEU C 163 10.17 38.95 11.20
N ASN C 164 9.30 38.02 10.80
CA ASN C 164 8.18 37.60 11.63
C ASN C 164 8.32 36.12 11.97
N SER C 165 8.18 35.80 13.25
CA SER C 165 8.25 34.43 13.74
C SER C 165 7.00 34.11 14.54
N TRP C 166 6.28 33.08 14.12
CA TRP C 166 5.05 32.64 14.77
C TRP C 166 5.32 31.36 15.55
N THR C 167 4.66 31.21 16.69
CA THR C 167 4.75 30.00 17.48
C THR C 167 3.47 29.19 17.33
N ASP C 168 3.59 27.88 17.51
CA ASP C 168 2.43 27.00 17.41
C ASP C 168 1.53 27.15 18.63
N GLN C 169 0.34 26.56 18.54
CA GLN C 169 -0.63 26.66 19.62
C GLN C 169 -0.06 26.06 20.90
N ASP C 170 -0.10 26.84 21.98
CA ASP C 170 0.47 26.40 23.24
C ASP C 170 -0.35 25.28 23.85
N SER C 171 0.34 24.33 24.48
CA SER C 171 -0.33 23.13 24.98
C SER C 171 -1.16 23.40 26.23
N LYS C 172 -1.00 24.54 26.88
CA LYS C 172 -1.69 24.79 28.14
C LYS C 172 -2.86 25.77 28.01
N ASP C 173 -2.61 26.96 27.45
CA ASP C 173 -3.68 27.95 27.30
C ASP C 173 -4.28 27.98 25.90
N SER C 174 -3.71 27.23 24.95
CA SER C 174 -4.25 27.10 23.60
C SER C 174 -4.26 28.44 22.86
N THR C 175 -3.24 29.27 23.10
CA THR C 175 -3.11 30.56 22.44
C THR C 175 -1.89 30.55 21.52
N TYR C 176 -1.76 31.63 20.76
CA TYR C 176 -0.64 31.82 19.84
C TYR C 176 0.15 33.06 20.23
N SER C 177 1.37 33.16 19.71
CA SER C 177 2.22 34.31 19.96
C SER C 177 3.06 34.57 18.71
N MET C 178 3.59 35.78 18.62
CA MET C 178 4.31 36.22 17.43
C MET C 178 5.36 37.26 17.80
N SER C 179 6.46 37.27 17.05
CA SER C 179 7.50 38.27 17.23
C SER C 179 7.81 38.91 15.89
N SER C 180 7.90 40.25 15.87
CA SER C 180 8.29 41.01 14.70
C SER C 180 9.61 41.73 14.99
N THR C 181 10.49 41.79 13.99
CA THR C 181 11.81 42.38 14.19
C THR C 181 12.17 43.24 12.99
N LEU C 182 12.55 44.49 13.26
CA LEU C 182 13.11 45.39 12.26
C LEU C 182 14.61 45.46 12.45
N THR C 183 15.35 45.03 11.44
CA THR C 183 16.81 45.01 11.45
C THR C 183 17.30 46.12 10.53
N LEU C 184 17.67 47.25 11.10
CA LEU C 184 18.24 48.38 10.37
C LEU C 184 19.69 48.56 10.77
N THR C 185 20.39 49.44 10.03
CA THR C 185 21.72 49.82 10.46
C THR C 185 21.63 50.92 11.51
N LYS C 186 22.75 51.11 12.23
CA LYS C 186 22.75 52.12 13.30
C LYS C 186 22.46 53.50 12.74
N ASP C 187 23.01 53.81 11.57
CA ASP C 187 22.83 55.14 10.99
C ASP C 187 21.36 55.39 10.63
N GLU C 188 20.74 54.44 9.93
CA GLU C 188 19.34 54.58 9.57
C GLU C 188 18.44 54.57 10.81
N TYR C 189 18.86 53.89 11.87
CA TYR C 189 18.10 53.92 13.12
C TYR C 189 18.17 55.29 13.77
N GLU C 190 19.37 55.87 13.84
CA GLU C 190 19.54 57.21 14.38
C GLU C 190 18.95 58.29 13.47
N ARG C 191 18.63 57.95 12.22
CA ARG C 191 18.04 58.93 11.31
C ARG C 191 16.67 59.39 11.80
N HIS C 192 15.90 58.50 12.44
CA HIS C 192 14.54 58.78 12.86
C HIS C 192 14.45 58.81 14.39
N ASN C 193 13.24 59.06 14.89
CA ASN C 193 13.06 59.19 16.33
C ASN C 193 11.98 58.27 16.89
N SER C 194 10.83 58.15 16.21
CA SER C 194 9.70 57.37 16.71
C SER C 194 9.55 56.09 15.91
N TYR C 195 9.20 55.01 16.61
CA TYR C 195 8.94 53.71 16.00
C TYR C 195 7.66 53.14 16.58
N THR C 196 6.78 52.63 15.73
CA THR C 196 5.45 52.15 16.14
C THR C 196 5.21 50.75 15.60
N CYS C 197 4.78 49.86 16.48
CA CYS C 197 4.31 48.52 16.12
C CYS C 197 2.79 48.52 16.25
N GLU C 198 2.10 48.22 15.14
CA GLU C 198 0.65 48.23 15.09
C GLU C 198 0.14 46.83 14.80
N ALA C 199 -0.84 46.37 15.57
CA ALA C 199 -1.41 45.05 15.43
C ALA C 199 -2.89 45.16 15.11
N THR C 200 -3.37 44.27 14.24
CA THR C 200 -4.76 44.22 13.83
C THR C 200 -5.26 42.81 14.08
N HIS C 201 -6.19 42.67 15.01
CA HIS C 201 -6.79 41.40 15.38
C HIS C 201 -8.30 41.59 15.46
N LYS C 202 -9.03 40.48 15.35
CA LYS C 202 -10.48 40.56 15.32
C LYS C 202 -11.11 40.78 16.69
N THR C 203 -10.31 40.92 17.75
CA THR C 203 -10.88 41.19 19.07
C THR C 203 -11.35 42.64 19.19
N SER C 204 -10.75 43.55 18.44
CA SER C 204 -11.16 44.95 18.44
C SER C 204 -10.83 45.55 17.09
N THR C 205 -11.77 46.34 16.54
CA THR C 205 -11.54 46.97 15.25
C THR C 205 -10.46 48.03 15.29
N SER C 206 -10.20 48.62 16.45
CA SER C 206 -9.14 49.61 16.57
C SER C 206 -7.78 48.92 16.66
N PRO C 207 -6.84 49.22 15.77
CA PRO C 207 -5.54 48.54 15.81
C PRO C 207 -4.74 48.96 17.04
N ILE C 208 -4.20 47.96 17.73
CA ILE C 208 -3.46 48.16 18.97
C ILE C 208 -2.06 48.66 18.65
N VAL C 209 -1.64 49.73 19.32
CA VAL C 209 -0.44 50.46 18.93
C VAL C 209 0.51 50.52 20.13
N LYS C 210 1.77 50.19 19.90
CA LYS C 210 2.82 50.35 20.91
C LYS C 210 4.01 51.02 20.26
N SER C 211 4.46 52.14 20.82
CA SER C 211 5.48 52.96 20.19
C SER C 211 6.57 53.35 21.20
N PHE C 212 7.70 53.79 20.66
CA PHE C 212 8.78 54.33 21.48
C PHE C 212 9.48 55.45 20.72
N ASN C 213 10.12 56.34 21.48
CA ASN C 213 10.80 57.52 20.97
C ASN C 213 12.29 57.47 21.30
N ARG C 214 13.04 58.34 20.63
CA ARG C 214 14.50 58.39 20.73
C ARG C 214 15.13 57.04 20.37
N THR D 2 7.40 -13.39 16.63
CA THR D 2 8.48 -12.41 16.60
C THR D 2 8.14 -11.21 17.49
N GLY D 3 9.03 -10.22 17.51
CA GLY D 3 8.92 -9.11 18.42
C GLY D 3 8.54 -7.80 17.76
N GLN D 4 8.58 -6.75 18.57
CA GLN D 4 8.37 -5.36 18.17
C GLN D 4 8.91 -5.06 16.77
N ILE D 5 8.05 -4.48 15.92
CA ILE D 5 8.51 -3.97 14.63
C ILE D 5 9.33 -2.71 14.87
N GLN D 6 10.56 -2.69 14.36
CA GLN D 6 11.47 -1.59 14.63
C GLN D 6 12.19 -1.19 13.35
N LEU D 7 12.24 0.13 13.10
CA LEU D 7 13.00 0.71 12.00
C LEU D 7 13.75 1.92 12.55
N VAL D 8 15.08 1.83 12.57
CA VAL D 8 15.91 2.88 13.15
C VAL D 8 16.89 3.38 12.09
N GLN D 9 16.85 4.68 11.83
CA GLN D 9 17.73 5.31 10.85
C GLN D 9 19.00 5.83 11.53
N SER D 10 20.00 6.11 10.69
CA SER D 10 21.30 6.57 11.15
C SER D 10 22.07 7.14 9.97
N VAL D 11 23.09 7.94 10.27
CA VAL D 11 24.03 8.45 9.27
C VAL D 11 25.30 7.62 9.36
N GLU D 12 25.72 7.06 8.23
CA GLU D 12 26.82 6.10 8.25
C GLU D 12 28.13 6.79 8.59
N THR D 13 28.44 7.90 7.91
CA THR D 13 29.68 8.63 8.11
C THR D 13 29.38 10.10 8.40
N GLY D 14 29.91 10.60 9.50
CA GLY D 14 29.72 11.98 9.88
C GLY D 14 28.31 12.27 10.39
N GLY D 15 28.00 13.56 10.43
CA GLY D 15 26.73 14.04 10.91
C GLY D 15 25.79 14.46 9.78
N GLY D 16 24.59 14.89 10.18
CA GLY D 16 23.58 15.33 9.24
C GLY D 16 23.88 16.65 8.56
N LEU D 17 24.90 17.38 9.03
CA LEU D 17 25.29 18.65 8.43
C LEU D 17 26.43 18.39 7.44
N VAL D 18 26.19 18.69 6.16
CA VAL D 18 27.17 18.54 5.11
C VAL D 18 27.18 19.80 4.26
N ARG D 19 28.27 20.00 3.54
CA ARG D 19 28.42 21.13 2.65
C ARG D 19 27.92 20.76 1.25
N PRO D 20 27.56 21.76 0.44
CA PRO D 20 27.11 21.46 -0.92
C PRO D 20 28.22 20.81 -1.74
N GLY D 21 27.92 19.67 -2.35
CA GLY D 21 28.86 18.95 -3.17
C GLY D 21 29.39 17.66 -2.57
N ASN D 22 29.19 17.44 -1.28
CA ASN D 22 29.69 16.24 -0.61
C ASN D 22 28.66 15.11 -0.68
N SER D 23 29.09 13.93 -0.25
CA SER D 23 28.24 12.74 -0.23
C SER D 23 27.75 12.47 1.19
N LEU D 24 26.79 11.55 1.29
CA LEU D 24 26.17 11.21 2.56
C LEU D 24 25.38 9.91 2.45
N LYS D 25 25.66 8.94 3.32
CA LYS D 25 25.00 7.64 3.24
C LYS D 25 24.13 7.45 4.49
N LEU D 26 22.81 7.42 4.29
CA LEU D 26 21.88 7.10 5.35
C LEU D 26 21.65 5.58 5.38
N SER D 27 21.51 5.05 6.59
CA SER D 27 21.20 3.65 6.79
C SER D 27 19.94 3.54 7.64
N CYS D 28 19.29 2.37 7.56
CA CYS D 28 18.06 2.14 8.30
C CYS D 28 17.97 0.65 8.57
N VAL D 29 18.10 0.27 9.85
CA VAL D 29 18.15 -1.12 10.27
C VAL D 29 16.80 -1.49 10.89
N THR D 30 16.33 -2.69 10.60
CA THR D 30 15.00 -3.13 10.99
C THR D 30 15.05 -4.40 11.81
N SER D 31 13.96 -4.67 12.51
CA SER D 31 13.78 -5.90 13.26
C SER D 31 12.29 -6.15 13.45
N GLY D 32 11.95 -7.41 13.72
CA GLY D 32 10.58 -7.80 13.98
C GLY D 32 9.82 -8.37 12.80
N PHE D 33 10.43 -8.39 11.61
CA PHE D 33 9.78 -8.95 10.44
C PHE D 33 10.85 -9.49 9.50
N THR D 34 10.43 -10.39 8.61
CA THR D 34 11.33 -10.94 7.59
C THR D 34 11.62 -9.84 6.58
N PHE D 35 12.78 -9.18 6.76
CA PHE D 35 13.11 -8.01 5.94
C PHE D 35 13.15 -8.36 4.45
N SER D 36 13.55 -9.58 4.12
CA SER D 36 13.72 -9.97 2.72
C SER D 36 12.40 -10.09 1.97
N ASN D 37 11.27 -10.07 2.66
CA ASN D 37 9.96 -10.23 2.03
C ASN D 37 9.24 -8.91 1.78
N TYR D 38 9.82 -7.79 2.18
CA TYR D 38 9.12 -6.51 2.14
C TYR D 38 9.89 -5.49 1.30
N GLN D 39 9.14 -4.62 0.65
CA GLN D 39 9.72 -3.54 -0.14
C GLN D 39 9.95 -2.31 0.73
N MET D 40 11.06 -1.63 0.48
CA MET D 40 11.52 -0.55 1.33
C MET D 40 11.64 0.74 0.55
N HIS D 41 11.23 1.84 1.17
CA HIS D 41 11.21 3.16 0.53
C HIS D 41 12.04 4.16 1.31
N TRP D 42 12.54 5.16 0.60
CA TRP D 42 13.14 6.34 1.19
C TRP D 42 12.35 7.56 0.75
N LEU D 43 12.03 8.42 1.71
CA LEU D 43 11.28 9.66 1.48
C LEU D 43 11.95 10.80 2.25
N ARG D 44 11.48 12.02 2.01
CA ARG D 44 12.02 13.17 2.71
C ARG D 44 10.95 14.24 2.86
N GLN D 45 11.03 14.96 3.97
CA GLN D 45 10.10 16.05 4.29
C GLN D 45 10.91 17.33 4.45
N PRO D 46 10.83 18.26 3.51
CA PRO D 46 11.52 19.54 3.66
C PRO D 46 10.76 20.46 4.60
N PRO D 47 11.44 21.41 5.24
CA PRO D 47 10.73 22.34 6.13
C PRO D 47 9.76 23.20 5.36
N GLY D 48 8.49 23.15 5.73
CA GLY D 48 7.49 23.99 5.10
C GLY D 48 6.83 23.31 3.91
N LYS D 49 7.56 22.44 3.23
CA LYS D 49 7.07 21.76 2.04
C LYS D 49 6.53 20.38 2.40
N ARG D 50 5.82 19.78 1.45
CA ARG D 50 5.14 18.52 1.69
C ARG D 50 6.10 17.34 1.53
N LEU D 51 5.65 16.19 2.01
CA LEU D 51 6.47 14.97 1.96
C LEU D 51 6.72 14.55 0.52
N GLU D 52 7.97 14.17 0.24
CA GLU D 52 8.38 13.78 -1.10
C GLU D 52 8.88 12.34 -1.10
N TRP D 53 8.41 11.55 -2.05
CA TRP D 53 8.90 10.21 -2.26
C TRP D 53 10.22 10.26 -3.04
N ILE D 54 11.20 9.49 -2.59
CA ILE D 54 12.53 9.48 -3.21
C ILE D 54 12.78 8.18 -3.97
N ALA D 55 12.75 7.04 -3.28
CA ALA D 55 13.13 5.80 -3.93
C ALA D 55 12.43 4.61 -3.30
N VAL D 56 12.40 3.51 -4.06
CA VAL D 56 11.90 2.23 -3.58
C VAL D 56 12.82 1.13 -4.08
N ILE D 57 13.00 0.09 -3.27
CA ILE D 57 13.70 -1.13 -3.66
C ILE D 57 12.89 -2.32 -3.22
N THR D 58 12.85 -3.35 -4.06
CA THR D 58 12.03 -4.54 -3.86
C THR D 58 12.90 -5.71 -3.42
N VAL D 59 12.37 -6.92 -3.56
CA VAL D 59 12.96 -8.12 -2.96
C VAL D 59 13.81 -8.89 -3.98
N LYS D 60 14.35 -10.04 -3.55
CA LYS D 60 15.21 -10.82 -4.41
C LYS D 60 14.44 -11.45 -5.57
N SER D 61 13.16 -11.79 -5.36
CA SER D 61 12.36 -12.39 -6.42
C SER D 61 12.28 -11.49 -7.65
N ASP D 62 12.28 -10.16 -7.44
CA ASP D 62 12.26 -9.20 -8.53
C ASP D 62 13.63 -8.57 -8.77
N ASN D 63 14.70 -9.28 -8.39
CA ASN D 63 16.08 -8.89 -8.72
C ASN D 63 16.48 -7.57 -8.09
N TYR D 64 15.98 -7.31 -6.88
CA TYR D 64 16.32 -6.11 -6.10
C TYR D 64 16.15 -4.84 -6.92
N GLY D 65 15.11 -4.84 -7.77
CA GLY D 65 14.88 -3.69 -8.62
C GLY D 65 14.59 -2.43 -7.80
N ALA D 66 14.89 -1.29 -8.40
CA ALA D 66 14.74 0.00 -7.74
C ALA D 66 14.04 0.98 -8.66
N ASN D 67 13.33 1.93 -8.04
CA ASN D 67 12.70 3.03 -8.75
C ASN D 67 13.00 4.33 -8.01
N TYR D 68 13.23 5.40 -8.77
CA TYR D 68 13.61 6.69 -8.22
C TYR D 68 12.71 7.77 -8.77
N VAL D 69 12.58 8.86 -8.00
CA VAL D 69 12.00 10.08 -8.54
C VAL D 69 13.01 10.72 -9.51
N GLU D 70 12.49 11.60 -10.37
CA GLU D 70 13.32 12.16 -11.43
C GLU D 70 14.43 13.06 -10.90
N SER D 71 14.19 13.78 -9.80
CA SER D 71 15.16 14.75 -9.32
C SER D 71 16.40 14.11 -8.70
N VAL D 72 16.32 12.86 -8.29
CA VAL D 72 17.44 12.17 -7.66
C VAL D 72 18.05 11.10 -8.55
N LYS D 73 17.54 10.94 -9.76
CA LYS D 73 18.03 9.90 -10.66
C LYS D 73 19.43 10.26 -11.14
N GLY D 74 20.40 9.38 -10.84
CA GLY D 74 21.79 9.59 -11.16
C GLY D 74 22.63 10.08 -9.99
N ARG D 75 22.00 10.73 -9.01
CA ARG D 75 22.68 11.18 -7.81
C ARG D 75 22.50 10.24 -6.63
N PHE D 76 21.30 9.69 -6.44
CA PHE D 76 21.01 8.84 -5.30
C PHE D 76 21.01 7.38 -5.71
N ALA D 77 21.27 6.51 -4.73
CA ALA D 77 21.31 5.08 -4.95
C ALA D 77 20.74 4.39 -3.73
N ILE D 78 19.69 3.60 -3.92
CA ILE D 78 19.08 2.83 -2.84
C ILE D 78 19.59 1.39 -2.94
N SER D 79 19.96 0.83 -1.78
CA SER D 79 20.48 -0.53 -1.73
C SER D 79 19.93 -1.21 -0.48
N ARG D 80 20.12 -2.53 -0.41
CA ARG D 80 19.65 -3.26 0.76
C ARG D 80 20.57 -4.43 1.03
N ASP D 81 20.77 -4.71 2.32
CA ASP D 81 21.47 -5.90 2.79
C ASP D 81 20.47 -6.74 3.57
N ASP D 82 20.02 -7.84 2.96
CA ASP D 82 19.05 -8.70 3.62
C ASP D 82 19.65 -9.43 4.81
N SER D 83 20.96 -9.72 4.76
CA SER D 83 21.60 -10.40 5.88
C SER D 83 21.67 -9.52 7.11
N LYS D 84 21.72 -8.20 6.94
CA LYS D 84 21.72 -7.26 8.05
C LYS D 84 20.38 -6.56 8.22
N SER D 85 19.37 -6.97 7.46
CA SER D 85 18.01 -6.41 7.55
C SER D 85 18.04 -4.89 7.43
N SER D 86 18.86 -4.38 6.51
CA SER D 86 19.13 -2.95 6.44
C SER D 86 18.88 -2.42 5.04
N VAL D 87 18.43 -1.17 4.97
CA VAL D 87 18.25 -0.45 3.71
C VAL D 87 19.09 0.81 3.77
N TYR D 88 19.72 1.16 2.64
CA TYR D 88 20.67 2.26 2.59
C TYR D 88 20.33 3.20 1.44
N LEU D 89 20.58 4.49 1.68
CA LEU D 89 20.41 5.53 0.67
C LEU D 89 21.71 6.32 0.58
N GLU D 90 22.43 6.18 -0.53
CA GLU D 90 23.63 6.95 -0.78
C GLU D 90 23.27 8.17 -1.62
N MET D 91 23.64 9.36 -1.13
CA MET D 91 23.30 10.63 -1.76
C MET D 91 24.58 11.33 -2.14
N ASN D 92 24.77 11.59 -3.44
CA ASN D 92 25.94 12.26 -3.96
C ASN D 92 25.56 13.61 -4.56
N ARG D 93 26.56 14.48 -4.68
CA ARG D 93 26.40 15.83 -5.23
C ARG D 93 25.23 16.55 -4.56
N LEU D 94 25.35 16.69 -3.24
CA LEU D 94 24.28 17.27 -2.46
C LEU D 94 24.14 18.76 -2.71
N ARG D 95 22.89 19.22 -2.77
CA ARG D 95 22.57 20.62 -2.96
C ARG D 95 21.80 21.15 -1.76
N GLU D 96 21.68 22.48 -1.69
CA GLU D 96 20.95 23.11 -0.60
C GLU D 96 19.47 22.75 -0.60
N GLU D 97 18.93 22.29 -1.73
CA GLU D 97 17.53 21.89 -1.80
C GLU D 97 17.29 20.51 -1.22
N ASP D 98 18.33 19.75 -0.88
CA ASP D 98 18.20 18.44 -0.28
C ASP D 98 18.09 18.50 1.24
N THR D 99 18.01 19.70 1.81
CA THR D 99 17.89 19.87 3.26
C THR D 99 16.48 19.45 3.70
N ALA D 100 16.39 18.37 4.47
CA ALA D 100 15.08 17.84 4.85
C ALA D 100 15.26 16.78 5.93
N THR D 101 14.15 16.29 6.45
CA THR D 101 14.12 15.16 7.36
C THR D 101 13.82 13.90 6.53
N TYR D 102 14.77 12.97 6.50
CA TYR D 102 14.67 11.78 5.66
C TYR D 102 14.12 10.60 6.46
N PHE D 103 13.28 9.80 5.81
CA PHE D 103 12.62 8.67 6.42
C PHE D 103 12.81 7.41 5.58
N CYS D 104 13.04 6.29 6.24
CA CYS D 104 12.87 4.97 5.62
C CYS D 104 11.49 4.44 6.00
N SER D 105 10.92 3.63 5.11
CA SER D 105 9.57 3.13 5.33
C SER D 105 9.43 1.75 4.70
N ARG D 106 8.45 1.01 5.19
CA ARG D 106 8.13 -0.32 4.69
C ARG D 106 6.77 -0.30 4.02
N SER D 107 6.63 -1.05 2.92
CA SER D 107 5.34 -1.23 2.28
C SER D 107 4.98 -2.70 2.26
N GLY D 108 3.72 -3.00 2.54
CA GLY D 108 3.27 -4.38 2.58
C GLY D 108 2.16 -4.68 1.60
N ILE D 109 1.19 -5.49 2.03
CA ILE D 109 0.04 -5.86 1.21
C ILE D 109 -1.21 -5.32 1.90
N TYR D 110 -2.18 -4.87 1.10
CA TYR D 110 -3.35 -4.17 1.63
C TYR D 110 -4.58 -4.65 0.90
N ASP D 111 -5.56 -5.15 1.67
CA ASP D 111 -6.78 -5.76 1.11
C ASP D 111 -6.45 -6.84 0.10
N GLY D 112 -5.31 -7.51 0.28
CA GLY D 112 -4.89 -8.58 -0.60
C GLY D 112 -4.13 -8.15 -1.84
N TYR D 113 -3.68 -6.90 -1.92
CA TYR D 113 -2.96 -6.41 -3.08
C TYR D 113 -1.77 -5.58 -2.64
N TYR D 114 -0.64 -5.77 -3.32
CA TYR D 114 0.55 -4.99 -3.01
C TYR D 114 0.37 -3.55 -3.47
N ALA D 115 0.58 -2.62 -2.54
CA ALA D 115 0.48 -1.20 -2.84
C ALA D 115 1.56 -0.47 -2.05
N TYR D 116 1.79 0.79 -2.41
CA TYR D 116 2.85 1.59 -1.80
C TYR D 116 2.32 2.53 -0.73
N ALA D 117 1.40 2.05 0.10
CA ALA D 117 1.11 2.70 1.36
C ALA D 117 2.10 2.23 2.41
N MET D 118 2.60 3.17 3.22
CA MET D 118 3.64 2.87 4.18
C MET D 118 3.02 2.52 5.53
N ASP D 119 3.27 1.31 6.01
CA ASP D 119 2.73 0.87 7.28
C ASP D 119 3.70 1.04 8.45
N TYR D 120 4.99 1.23 8.18
CA TYR D 120 5.98 1.45 9.21
C TYR D 120 7.03 2.43 8.72
N TRP D 121 7.48 3.31 9.61
CA TRP D 121 8.42 4.38 9.29
C TRP D 121 9.56 4.38 10.28
N GLY D 122 10.69 4.98 9.85
CA GLY D 122 11.78 5.25 10.75
C GLY D 122 11.55 6.51 11.55
N GLN D 123 12.47 6.79 12.48
CA GLN D 123 12.30 7.93 13.36
C GLN D 123 12.61 9.25 12.69
N GLY D 124 13.36 9.23 11.60
CA GLY D 124 13.70 10.46 10.89
C GLY D 124 15.14 10.86 11.12
N THR D 125 15.79 11.33 10.05
CA THR D 125 17.17 11.78 10.10
C THR D 125 17.24 13.17 9.49
N SER D 126 17.60 14.17 10.30
CA SER D 126 17.70 15.54 9.79
C SER D 126 18.99 15.69 8.99
N VAL D 127 18.86 16.21 7.77
CA VAL D 127 20.00 16.43 6.88
C VAL D 127 19.96 17.88 6.44
N THR D 128 21.05 18.60 6.73
CA THR D 128 21.16 20.02 6.40
C THR D 128 22.37 20.20 5.48
N VAL D 129 22.11 20.73 4.28
CA VAL D 129 23.16 20.99 3.31
C VAL D 129 23.31 22.50 3.20
N SER D 130 24.44 23.03 3.69
CA SER D 130 24.66 24.46 3.71
C SER D 130 26.15 24.73 3.74
N SER D 131 26.53 25.85 3.13
CA SER D 131 27.93 26.30 3.12
C SER D 131 28.21 27.32 4.23
N ALA D 132 27.30 27.47 5.18
CA ALA D 132 27.51 28.38 6.29
C ALA D 132 28.50 27.79 7.30
N THR D 133 29.23 28.67 7.98
CA THR D 133 30.25 28.27 8.93
C THR D 133 29.72 28.41 10.36
N THR D 134 30.20 27.51 11.22
CA THR D 134 29.79 27.50 12.62
C THR D 134 30.23 28.79 13.31
N LYS D 135 29.28 29.48 13.93
CA LYS D 135 29.58 30.69 14.69
C LYS D 135 28.58 30.80 15.83
N GLY D 136 29.10 31.01 17.03
CA GLY D 136 28.28 31.30 18.19
C GLY D 136 27.44 32.55 18.03
N PRO D 137 26.44 32.68 18.88
CA PRO D 137 25.47 33.77 18.73
C PRO D 137 25.92 35.06 19.43
N SER D 138 25.20 36.12 19.13
CA SER D 138 25.30 37.39 19.84
C SER D 138 23.99 37.63 20.57
N VAL D 139 24.08 37.83 21.88
CA VAL D 139 22.91 37.90 22.76
C VAL D 139 22.74 39.34 23.21
N TYR D 140 21.56 39.90 22.94
CA TYR D 140 21.24 41.28 23.26
C TYR D 140 19.99 41.33 24.13
N PRO D 141 20.03 42.04 25.25
CA PRO D 141 18.84 42.13 26.11
C PRO D 141 17.85 43.15 25.60
N LEU D 142 16.57 42.86 25.80
CA LEU D 142 15.48 43.72 25.36
C LEU D 142 14.71 44.18 26.59
N ALA D 143 14.89 45.45 26.94
CA ALA D 143 14.23 46.10 28.07
C ALA D 143 13.35 47.24 27.57
N PRO D 144 12.22 47.48 28.22
CA PRO D 144 11.34 48.56 27.79
C PRO D 144 11.89 49.93 28.18
N GLY D 145 11.52 50.93 27.37
CA GLY D 145 11.88 52.31 27.62
C GLY D 145 10.99 53.06 28.58
N SER D 146 9.79 52.54 28.85
CA SER D 146 8.85 53.17 29.77
C SER D 146 8.81 52.40 31.08
N ALA D 147 8.24 53.05 32.09
CA ALA D 147 8.14 52.45 33.42
C ALA D 147 6.68 52.14 33.78
N SER D 152 1.74 46.16 36.59
CA SER D 152 1.39 44.86 37.15
C SER D 152 2.33 43.78 36.64
N MET D 153 2.34 43.58 35.32
CA MET D 153 3.19 42.59 34.67
C MET D 153 4.11 43.30 33.69
N VAL D 154 5.40 42.95 33.72
CA VAL D 154 6.39 43.54 32.83
C VAL D 154 7.03 42.44 32.00
N THR D 155 7.09 42.66 30.68
CA THR D 155 7.61 41.71 29.73
C THR D 155 8.98 42.16 29.24
N LEU D 156 9.95 41.26 29.30
CA LEU D 156 11.32 41.51 28.88
C LEU D 156 11.73 40.47 27.84
N GLY D 157 12.89 40.68 27.22
CA GLY D 157 13.28 39.80 26.13
C GLY D 157 14.77 39.56 26.01
N CYS D 158 15.09 38.58 25.17
CA CYS D 158 16.45 38.13 24.91
C CYS D 158 16.54 37.82 23.42
N LEU D 159 17.44 38.49 22.71
CA LEU D 159 17.59 38.32 21.28
C LEU D 159 18.90 37.60 20.98
N VAL D 160 18.83 36.54 20.18
CA VAL D 160 19.95 35.67 19.89
C VAL D 160 20.15 35.72 18.38
N LYS D 161 21.18 36.44 17.92
CA LYS D 161 21.33 36.73 16.49
C LYS D 161 22.66 36.23 15.98
N GLY D 162 22.67 35.74 14.74
CA GLY D 162 23.91 35.44 14.06
C GLY D 162 24.57 34.16 14.55
N TYR D 163 23.81 33.08 14.59
CA TYR D 163 24.38 31.80 14.97
C TYR D 163 24.09 30.74 13.90
N PHE D 164 25.04 29.81 13.75
CA PHE D 164 24.89 28.61 12.94
C PHE D 164 25.77 27.49 13.50
N PRO D 165 25.27 26.25 13.54
CA PRO D 165 23.93 25.79 13.14
C PRO D 165 22.96 25.79 14.31
N GLU D 166 21.70 25.44 14.06
CA GLU D 166 20.76 25.22 15.13
C GLU D 166 21.14 23.97 15.92
N PRO D 167 20.69 23.84 17.17
CA PRO D 167 19.82 24.76 17.93
C PRO D 167 20.57 25.61 18.95
N VAL D 168 19.81 26.44 19.67
CA VAL D 168 20.30 27.14 20.85
C VAL D 168 19.27 26.95 21.95
N THR D 169 19.75 26.77 23.18
CA THR D 169 18.88 26.59 24.33
C THR D 169 18.82 27.90 25.11
N VAL D 170 17.61 28.44 25.26
CA VAL D 170 17.38 29.66 26.02
C VAL D 170 16.58 29.33 27.26
N THR D 171 17.03 29.82 28.41
CA THR D 171 16.32 29.68 29.68
C THR D 171 16.31 31.04 30.36
N TRP D 172 15.48 31.16 31.40
CA TRP D 172 15.37 32.39 32.17
C TRP D 172 15.65 32.08 33.63
N ASN D 173 16.76 32.62 34.15
CA ASN D 173 17.23 32.35 35.50
C ASN D 173 17.42 30.85 35.73
N SER D 174 18.11 30.21 34.78
CA SER D 174 18.43 28.78 34.84
C SER D 174 17.18 27.92 34.99
N GLY D 175 16.06 28.36 34.41
CA GLY D 175 14.82 27.63 34.47
C GLY D 175 13.86 28.05 35.56
N SER D 176 14.26 28.99 36.42
CA SER D 176 13.38 29.43 37.50
C SER D 176 12.12 30.08 36.95
N LEU D 177 12.25 30.83 35.86
CA LEU D 177 11.12 31.47 35.19
C LEU D 177 10.66 30.57 34.05
N SER D 178 9.55 29.88 34.25
CA SER D 178 8.98 28.99 33.25
C SER D 178 7.63 29.45 32.74
N SER D 179 6.73 29.85 33.64
CA SER D 179 5.44 30.37 33.21
C SER D 179 5.61 31.79 32.68
N GLY D 180 4.99 32.06 31.53
CA GLY D 180 5.11 33.35 30.90
C GLY D 180 6.28 33.50 29.95
N VAL D 181 6.97 32.41 29.63
CA VAL D 181 8.11 32.42 28.71
C VAL D 181 7.63 31.96 27.34
N HIS D 182 7.97 32.75 26.32
CA HIS D 182 7.65 32.44 24.93
C HIS D 182 8.92 32.50 24.11
N THR D 183 9.38 31.36 23.62
CA THR D 183 10.52 31.28 22.73
C THR D 183 10.02 30.93 21.34
N PHE D 184 10.36 31.75 20.36
CA PHE D 184 9.82 31.68 19.02
C PHE D 184 10.72 30.88 18.11
N PRO D 185 10.20 30.35 17.00
CA PRO D 185 11.05 29.60 16.06
C PRO D 185 12.09 30.50 15.42
N ALA D 186 13.28 29.93 15.21
CA ALA D 186 14.37 30.68 14.61
C ALA D 186 14.12 30.91 13.12
N VAL D 187 14.63 32.03 12.62
CA VAL D 187 14.50 32.40 11.21
C VAL D 187 15.90 32.52 10.62
N LEU D 188 16.04 32.11 9.36
CA LEU D 188 17.32 32.08 8.68
C LEU D 188 17.43 33.28 7.74
N GLN D 189 18.50 34.06 7.92
CA GLN D 189 18.77 35.23 7.09
C GLN D 189 20.28 35.38 6.94
N SER D 190 20.73 35.59 5.69
CA SER D 190 22.15 35.73 5.38
C SER D 190 22.94 34.53 5.90
N ASP D 191 22.34 33.34 5.79
CA ASP D 191 22.90 32.06 6.22
C ASP D 191 23.15 31.99 7.72
N LEU D 192 22.60 32.92 8.50
CA LEU D 192 22.72 32.89 9.95
C LEU D 192 21.33 32.90 10.58
N TYR D 193 21.22 32.31 11.77
CA TYR D 193 19.92 32.17 12.43
C TYR D 193 19.69 33.28 13.44
N THR D 194 18.42 33.65 13.61
CA THR D 194 18.01 34.67 14.56
C THR D 194 16.79 34.17 15.33
N LEU D 195 16.78 34.46 16.64
CA LEU D 195 15.78 33.97 17.56
C LEU D 195 15.47 35.05 18.59
N SER D 196 14.24 35.05 19.09
CA SER D 196 13.83 35.95 20.15
C SER D 196 13.09 35.17 21.23
N SER D 197 13.28 35.57 22.48
CA SER D 197 12.59 34.96 23.62
C SER D 197 12.04 36.06 24.52
N SER D 198 10.85 35.83 25.06
CA SER D 198 10.21 36.79 25.96
C SER D 198 9.87 36.11 27.29
N VAL D 199 9.90 36.91 28.35
CA VAL D 199 9.52 36.45 29.68
C VAL D 199 8.67 37.54 30.34
N THR D 200 7.62 37.12 31.06
CA THR D 200 6.71 38.04 31.72
C THR D 200 6.82 37.83 33.22
N VAL D 201 7.41 38.81 33.91
CA VAL D 201 7.65 38.71 35.35
C VAL D 201 6.92 39.84 36.05
N PRO D 202 6.51 39.64 37.30
CA PRO D 202 5.79 40.69 38.02
C PRO D 202 6.65 41.92 38.25
N SER D 203 5.96 43.06 38.44
CA SER D 203 6.64 44.30 38.78
C SER D 203 7.47 44.18 40.06
N SER D 204 7.10 43.24 40.94
CA SER D 204 7.90 42.99 42.13
C SER D 204 9.20 42.27 41.79
N THR D 205 9.17 41.38 40.79
CA THR D 205 10.37 40.60 40.45
C THR D 205 11.41 41.46 39.76
N TRP D 206 10.98 42.36 38.86
CA TRP D 206 11.91 43.16 38.09
C TRP D 206 11.51 44.63 38.16
N PRO D 207 12.48 45.55 38.23
CA PRO D 207 13.94 45.34 38.23
C PRO D 207 14.51 45.14 39.63
N SER D 208 13.66 44.79 40.61
CA SER D 208 14.14 44.57 41.97
C SER D 208 15.10 43.40 42.02
N GLN D 209 14.70 42.26 41.48
CA GLN D 209 15.53 41.07 41.40
C GLN D 209 16.01 40.88 39.97
N THR D 210 17.20 40.30 39.82
CA THR D 210 17.85 40.18 38.53
C THR D 210 17.17 39.12 37.67
N VAL D 211 16.84 39.49 36.43
CA VAL D 211 16.32 38.56 35.43
C VAL D 211 17.39 38.39 34.37
N THR D 212 17.81 37.14 34.15
CA THR D 212 18.93 36.83 33.28
C THR D 212 18.53 35.73 32.31
N CYS D 213 18.75 35.94 31.02
CA CYS D 213 18.55 34.90 30.03
C CYS D 213 19.86 34.16 29.78
N ASN D 214 19.77 32.83 29.75
CA ASN D 214 20.91 31.94 29.59
C ASN D 214 20.79 31.27 28.23
N VAL D 215 21.75 31.52 27.35
CA VAL D 215 21.74 31.01 25.99
C VAL D 215 22.93 30.08 25.82
N ALA D 216 22.67 28.91 25.25
CA ALA D 216 23.68 27.88 25.04
C ALA D 216 23.69 27.48 23.57
N HIS D 217 24.87 27.57 22.95
CA HIS D 217 25.10 27.09 21.60
C HIS D 217 26.15 25.98 21.66
N PRO D 218 25.75 24.71 21.51
CA PRO D 218 26.73 23.63 21.70
C PRO D 218 27.80 23.56 20.62
N ALA D 219 27.43 23.82 19.36
CA ALA D 219 28.36 23.65 18.25
C ALA D 219 29.60 24.52 18.41
N SER D 220 29.42 25.76 18.86
CA SER D 220 30.53 26.67 19.12
C SER D 220 30.95 26.66 20.58
N SER D 221 30.29 25.86 21.43
CA SER D 221 30.59 25.78 22.86
C SER D 221 30.49 27.16 23.51
N THR D 222 29.35 27.82 23.31
CA THR D 222 29.13 29.17 23.80
C THR D 222 28.05 29.14 24.88
N LYS D 223 28.38 29.68 26.05
CA LYS D 223 27.46 29.78 27.17
C LYS D 223 27.41 31.24 27.60
N VAL D 224 26.31 31.92 27.30
CA VAL D 224 26.18 33.35 27.59
C VAL D 224 25.06 33.55 28.59
N ASP D 225 25.31 34.38 29.60
CA ASP D 225 24.31 34.78 30.58
C ASP D 225 24.16 36.30 30.49
N LYS D 226 23.01 36.76 30.01
CA LYS D 226 22.78 38.19 29.81
C LYS D 226 21.72 38.65 30.79
N LYS D 227 22.11 39.53 31.71
CA LYS D 227 21.17 40.13 32.65
C LYS D 227 20.50 41.32 31.99
N ILE D 228 19.19 41.43 32.14
CA ILE D 228 18.44 42.51 31.52
C ILE D 228 18.41 43.68 32.51
N VAL D 229 19.08 44.77 32.15
CA VAL D 229 19.19 45.95 32.98
C VAL D 229 18.14 46.96 32.54
N PRO D 230 17.44 47.63 33.45
CA PRO D 230 16.42 48.61 33.06
C PRO D 230 17.02 49.74 32.24
N ARG D 231 16.15 50.38 31.45
CA ARG D 231 16.55 51.45 30.54
C ARG D 231 17.08 52.65 31.30
C1 NAG E . -10.04 -18.16 1.00
C2 NAG E . -10.51 -17.39 2.23
C3 NAG E . -9.64 -16.14 2.46
C4 NAG E . -8.17 -16.52 2.52
C5 NAG E . -7.82 -17.37 1.29
C6 NAG E . -6.38 -17.86 1.28
C7 NAG E . -12.90 -17.71 2.69
C8 NAG E . -14.29 -17.17 2.41
N2 NAG E . -11.90 -17.04 2.10
O3 NAG E . -10.09 -15.54 3.64
O4 NAG E . -7.44 -15.30 2.54
O5 NAG E . -8.68 -18.49 1.19
O6 NAG E . -5.97 -18.11 2.60
O7 NAG E . -12.73 -18.68 3.39
C1 NAG E . -6.96 -14.96 3.86
C2 NAG E . -5.94 -13.83 3.70
C3 NAG E . -5.49 -13.28 5.05
C4 NAG E . -6.66 -12.97 5.98
C5 NAG E . -7.58 -14.20 6.02
C6 NAG E . -8.80 -14.03 6.89
C7 NAG E . -4.67 -14.16 1.61
C8 NAG E . -3.40 -14.72 1.04
N2 NAG E . -4.81 -14.29 2.95
O3 NAG E . -4.73 -12.12 4.81
O4 NAG E . -6.12 -12.69 7.25
O5 NAG E . -8.00 -14.53 4.71
O6 NAG E . -9.64 -13.04 6.34
O7 NAG E . -5.51 -13.62 0.90
C1 BMA E . -6.32 -11.31 7.64
C2 BMA E . -6.03 -11.25 9.14
C3 BMA E . -5.97 -9.80 9.66
C4 BMA E . -5.31 -8.75 8.73
C5 BMA E . -5.32 -9.09 7.24
C6 BMA E . -4.11 -8.52 6.48
O2 BMA E . -4.85 -11.97 9.39
O3 BMA E . -5.33 -9.87 10.92
O4 BMA E . -6.04 -7.56 8.96
O5 BMA E . -5.47 -10.46 6.91
O6 BMA E . -2.98 -9.31 6.79
C1 FUC E . -5.56 -19.49 2.74
C2 FUC E . -4.85 -19.63 4.08
C3 FUC E . -5.85 -19.36 5.21
C4 FUC E . -7.02 -20.33 5.11
C5 FUC E . -7.64 -20.18 3.72
C6 FUC E . -8.76 -21.16 3.45
O2 FUC E . -3.75 -18.76 4.11
O3 FUC E . -5.14 -19.46 6.43
O4 FUC E . -6.55 -21.64 5.36
O5 FUC E . -6.66 -20.36 2.70
C1 NAG F . 6.76 0.69 -19.33
C2 NAG F . 6.27 1.43 -20.59
C3 NAG F . 7.46 1.91 -21.42
C4 NAG F . 8.44 2.72 -20.58
C5 NAG F . 8.82 1.92 -19.33
C6 NAG F . 9.63 2.71 -18.31
C7 NAG F . 4.15 0.87 -21.71
C8 NAG F . 3.45 -0.17 -22.54
N2 NAG F . 5.42 0.58 -21.38
O3 NAG F . 6.96 2.65 -22.49
O4 NAG F . 9.55 2.98 -21.43
O5 NAG F . 7.65 1.53 -18.64
O6 NAG F . 8.90 3.87 -17.98
O7 NAG F . 3.57 1.89 -21.36
C1 NAG F . 10.00 4.34 -21.28
C2 NAG F . 11.43 4.41 -21.85
C3 NAG F . 11.95 5.84 -21.74
C4 NAG F . 10.96 6.83 -22.34
C5 NAG F . 9.57 6.60 -21.73
C6 NAG F . 8.50 7.52 -22.27
C7 NAG F . 12.65 2.29 -21.63
C8 NAG F . 13.56 1.48 -20.73
N2 NAG F . 12.28 3.49 -21.15
O3 NAG F . 13.20 5.89 -22.39
O4 NAG F . 11.44 8.13 -22.06
O5 NAG F . 9.20 5.26 -21.96
O6 NAG F . 7.24 7.04 -21.90
O7 NAG F . 12.28 1.86 -22.72
C1 FUC F . 9.63 4.66 -17.01
C2 FUC F . 8.92 6.01 -16.89
C3 FUC F . 7.52 5.80 -16.33
C4 FUC F . 7.58 5.09 -14.98
C5 FUC F . 8.38 3.79 -15.15
C6 FUC F . 8.65 3.07 -13.85
O2 FUC F . 8.91 6.63 -18.14
O3 FUC F . 6.89 7.06 -16.26
O4 FUC F . 8.16 5.96 -14.04
O5 FUC F . 9.65 4.04 -15.76
C1 NAG G . -16.32 -1.43 -16.01
C2 NAG G . -15.70 -0.09 -15.61
C3 NAG G . -16.72 0.76 -14.87
C4 NAG G . -18.10 0.80 -15.54
C5 NAG G . -18.50 -0.61 -15.98
C6 NAG G . -19.79 -0.69 -16.77
C7 NAG G . -13.26 -0.11 -15.14
C8 NAG G . -13.04 0.33 -16.57
N2 NAG G . -14.55 -0.29 -14.77
O3 NAG G . -16.17 2.05 -14.73
O4 NAG G . -18.97 1.31 -14.56
O5 NAG G . -17.48 -1.18 -16.77
O6 NAG G . -19.55 -0.25 -18.09
O7 NAG G . -12.32 -0.30 -14.38
C1 NAG G . -19.75 2.41 -15.04
C2 NAG G . -20.67 2.86 -13.91
C3 NAG G . -21.57 4.00 -14.39
C4 NAG G . -20.74 5.16 -14.95
C5 NAG G . -19.71 4.60 -15.95
C6 NAG G . -18.74 5.64 -16.46
C7 NAG G . -21.24 1.17 -12.22
C8 NAG G . -22.21 0.06 -11.86
N2 NAG G . -21.47 1.78 -13.40
O3 NAG G . -22.37 4.35 -13.28
O4 NAG G . -21.58 6.07 -15.62
O5 NAG G . -18.96 3.53 -15.40
O6 NAG G . -18.02 5.13 -17.56
O7 NAG G . -20.33 1.47 -11.48
C1 BMA G . -22.27 6.97 -14.74
C2 BMA G . -22.22 8.37 -15.36
C3 BMA G . -23.13 9.35 -14.59
C4 BMA G . -24.55 8.82 -14.27
C5 BMA G . -24.68 7.29 -14.11
C6 BMA G . -25.96 6.72 -14.72
O2 BMA G . -22.55 8.27 -16.72
O3 BMA G . -23.10 10.55 -15.33
O4 BMA G . -24.93 9.43 -13.05
O5 BMA G . -23.59 6.51 -14.57
O6 BMA G . -26.06 5.39 -14.26
C1 MAN G . -23.27 11.68 -14.44
C2 MAN G . -23.15 12.97 -15.27
C3 MAN G . -21.70 13.24 -15.68
C4 MAN G . -20.80 13.27 -14.46
C5 MAN G . -20.94 11.94 -13.71
C6 MAN G . -20.20 11.96 -12.40
O2 MAN G . -23.67 14.02 -14.48
O3 MAN G . -21.67 14.45 -16.39
O4 MAN G . -19.48 13.46 -14.93
O5 MAN G . -22.30 11.67 -13.40
O6 MAN G . -18.93 12.55 -12.59
C1 NAG H . -15.82 -35.40 -7.71
C2 NAG H . -14.49 -35.05 -7.03
C3 NAG H . -14.26 -35.88 -5.78
C4 NAG H . -15.41 -35.70 -4.80
C5 NAG H . -16.71 -36.04 -5.55
C6 NAG H . -17.95 -35.81 -4.71
C7 NAG H . -12.53 -34.18 -8.26
C8 NAG H . -12.78 -32.87 -7.56
N2 NAG H . -13.39 -35.18 -7.95
O3 NAG H . -13.03 -35.48 -5.22
O4 NAG H . -15.17 -36.56 -3.71
O5 NAG H . -16.85 -35.29 -6.75
O6 NAG H . -18.16 -34.43 -4.57
O7 NAG H . -11.60 -34.31 -9.04
C1 NAG H . -14.98 -35.83 -2.47
C2 NAG H . -14.84 -36.85 -1.33
C3 NAG H . -14.61 -36.14 0.00
C4 NAG H . -13.45 -35.13 -0.08
C5 NAG H . -13.66 -34.24 -1.32
C6 NAG H . -12.53 -33.26 -1.54
C7 NAG H . -16.02 -38.99 -1.65
C8 NAG H . -14.75 -39.55 -2.22
N2 NAG H . -15.99 -37.71 -1.25
O3 NAG H . -14.38 -37.11 0.97
O4 NAG H . -13.49 -34.37 1.10
O5 NAG H . -13.81 -35.04 -2.48
O6 NAG H . -12.75 -32.55 -2.74
O7 NAG H . -17.04 -39.69 -1.56
C1 BMA H . -12.46 -34.74 2.05
C2 BMA H . -12.30 -33.54 3.00
C3 BMA H . -11.46 -33.89 4.26
C4 BMA H . -11.78 -35.26 4.90
C5 BMA H . -12.21 -36.36 3.93
C6 BMA H . -13.10 -37.42 4.56
O2 BMA H . -13.58 -33.06 3.31
O3 BMA H . -11.64 -32.81 5.15
O4 BMA H . -10.59 -35.63 5.56
O5 BMA H . -12.84 -35.92 2.73
O6 BMA H . -13.28 -38.43 3.58
C1 MAN H . -10.35 -32.24 5.48
C2 MAN H . -10.64 -30.97 6.30
C3 MAN H . -9.59 -29.89 6.05
C4 MAN H . -8.25 -30.52 5.75
C5 MAN H . -8.39 -31.26 4.41
C6 MAN H . -7.26 -32.26 4.21
O2 MAN H . -10.66 -31.37 7.65
O3 MAN H . -9.54 -29.08 7.20
O4 MAN H . -7.30 -29.49 5.68
O5 MAN H . -9.63 -31.94 4.31
O6 MAN H . -6.04 -31.56 4.15
C1 MAN H . -13.63 -39.68 4.23
C2 MAN H . -13.51 -40.80 3.19
C3 MAN H . -14.54 -40.62 2.09
C4 MAN H . -15.95 -40.51 2.68
C5 MAN H . -15.96 -39.39 3.73
C6 MAN H . -17.29 -39.30 4.46
O2 MAN H . -13.68 -42.02 3.87
O3 MAN H . -14.43 -41.71 1.22
O4 MAN H . -16.83 -40.23 1.61
O5 MAN H . -14.96 -39.63 4.70
O6 MAN H . -17.21 -38.29 5.42
C1 NAG I . -14.52 -59.82 -9.62
C2 NAG I . -13.22 -59.02 -9.58
C3 NAG I . -12.00 -59.95 -9.53
C4 NAG I . -12.13 -61.02 -8.46
C5 NAG I . -13.52 -61.68 -8.54
C6 NAG I . -13.85 -62.65 -7.42
C7 NAG I . -12.92 -56.82 -10.65
C8 NAG I . -12.84 -56.12 -11.98
N2 NAG I . -13.11 -58.15 -10.72
O3 NAG I . -10.88 -59.14 -9.32
O4 NAG I . -11.10 -61.93 -8.78
O5 NAG I . -14.52 -60.69 -8.51
O6 NAG I . -13.77 -61.97 -6.18
O7 NAG I . -12.81 -56.21 -9.60
C1 NAG I . -10.39 -62.41 -7.60
C2 NAG I . -9.91 -63.83 -7.95
C3 NAG I . -9.13 -64.40 -6.77
C4 NAG I . -8.02 -63.44 -6.35
C5 NAG I . -8.63 -62.06 -6.09
C6 NAG I . -7.61 -61.02 -5.67
C7 NAG I . -11.32 -65.04 -9.56
C8 NAG I . -10.41 -64.53 -10.66
N2 NAG I . -11.01 -64.66 -8.31
O3 NAG I . -8.62 -65.66 -7.15
O4 NAG I . -7.42 -63.98 -5.19
O5 NAG I . -9.28 -61.61 -7.26
O6 NAG I . -8.27 -59.80 -5.37
O7 NAG I . -12.27 -65.76 -9.84
#